data_5UAS
#
_entry.id   5UAS
#
_cell.length_a   173.620
_cell.length_b   71.810
_cell.length_c   109.270
_cell.angle_alpha   90.00
_cell.angle_beta   122.44
_cell.angle_gamma   90.00
#
_symmetry.space_group_name_H-M   'C 1 2 1'
#
loop_
_entity.id
_entity.type
_entity.pdbx_description
1 polymer UlvanLyase-PL25
2 branched '4-deoxy-alpha-L-threo-hex-4-enopyranuronic acid-(1-4)-3-O-sulfo-alpha-L-rhamnopyranose-(1-4)-beta-D-glucopyranuronic acid-(1-4)-3-O-sulfo-alpha-L-rhamnopyranose'
3 non-polymer 'ZINC ION'
4 non-polymer 'POTASSIUM ION'
5 non-polymer 'CHLORIDE ION'
6 non-polymer 1,2-ETHANEDIOL
7 water water
#
_entity_poly.entity_id   1
_entity_poly.type   'polypeptide(L)'
_entity_poly.pdbx_seq_one_letter_code
;TLRRRYTMVHQESLPNSTANSVDRQVGYFADNGVGNPLAIVQHPAGIHKNGITYVSYQGPKEDPYIASYNHQTGQWQGPF
RAGISELGRRDGGKKFDNNGKPTMLIDDEGYIHIFYGGHGGQASNGKNPLGNTHHGANKHAVSKRPYDISQWEDLNNITP
FGTYNQAIKMDNGDIYLFFRHGAHRSDWVYQKSVDNGRTFASPVSFLKHKRRTDIDAVDSWYAWAGKGQGDNIIVSYDYH
VCWDGGAGVNGRGHTTERHDVYFMSFNTKTGEWSNVEGEKLVLPVTREVADEKTMAMRTGELWTFNGSTHLDAQGQPHIA
INAGIDKGAKTGGPKQTRHVRWNGNEWVGGDKVIPQYERVSRGDFMVTDPENIRYLTTYNQDNDAVLSWWQSHDGGEHFV
EDKTVLRKDNASFAISAFIKDAIPDAQMLVAEKVSDEGIKMYLVGEEGAVTRSLVDLKTAMPTSKLEHHHHHH
;
_entity_poly.pdbx_strand_id   A,B
#
# COMPACT_ATOMS: atom_id res chain seq x y z
N ASP A 23 26.69 47.39 -9.47
CA ASP A 23 26.34 45.96 -9.45
C ASP A 23 24.85 45.79 -9.23
N ARG A 24 24.32 44.64 -9.64
CA ARG A 24 22.92 44.30 -9.43
C ARG A 24 22.79 42.79 -9.43
N GLN A 25 21.73 42.32 -8.79
CA GLN A 25 21.46 40.89 -8.75
C GLN A 25 20.71 40.49 -10.01
N VAL A 26 21.14 39.39 -10.62
CA VAL A 26 20.41 38.81 -11.73
C VAL A 26 19.93 37.43 -11.33
N GLY A 27 18.93 36.94 -12.07
CA GLY A 27 18.30 35.67 -11.72
C GLY A 27 19.07 34.43 -12.12
N TYR A 28 20.04 34.57 -13.02
CA TYR A 28 20.78 33.42 -13.54
C TYR A 28 22.19 33.39 -12.95
N PHE A 29 22.71 32.18 -12.79
CA PHE A 29 24.04 32.04 -12.22
C PHE A 29 25.10 31.76 -13.28
N ALA A 30 24.70 31.49 -14.52
CA ALA A 30 25.67 31.31 -15.59
C ALA A 30 24.94 31.60 -16.89
N ASP A 31 25.72 31.84 -17.95
CA ASP A 31 25.09 32.25 -19.21
C ASP A 31 25.73 31.60 -20.42
N ASN A 32 26.23 30.35 -20.27
CA ASN A 32 26.98 29.67 -21.32
C ASN A 32 26.43 28.29 -21.65
N GLY A 33 25.18 28.00 -21.32
CA GLY A 33 24.62 26.72 -21.68
C GLY A 33 24.47 26.57 -23.19
N VAL A 34 24.46 25.31 -23.67
CA VAL A 34 24.25 25.06 -25.10
C VAL A 34 23.23 23.93 -25.28
N GLY A 35 22.57 23.94 -26.45
CA GLY A 35 21.66 22.86 -26.81
C GLY A 35 20.51 22.78 -25.81
N ASN A 36 20.26 21.57 -25.30
CA ASN A 36 19.43 21.38 -24.11
C ASN A 36 20.38 21.20 -22.94
N PRO A 37 20.53 22.18 -22.06
CA PRO A 37 21.61 22.06 -21.06
C PRO A 37 21.25 21.19 -19.89
N LEU A 38 19.98 20.81 -19.77
CA LEU A 38 19.44 20.03 -18.67
C LEU A 38 18.35 19.11 -19.23
N ALA A 39 18.06 18.05 -18.48
CA ALA A 39 16.92 17.18 -18.77
C ALA A 39 16.64 16.36 -17.52
N ILE A 40 15.40 15.88 -17.43
CA ILE A 40 15.01 15.11 -16.25
C ILE A 40 15.72 13.77 -16.22
N VAL A 41 16.11 13.25 -17.38
CA VAL A 41 16.67 11.89 -17.38
C VAL A 41 18.10 11.88 -16.86
N GLN A 42 18.90 12.93 -17.10
CA GLN A 42 20.24 13.01 -16.52
C GLN A 42 20.11 13.60 -15.11
N HIS A 43 20.08 12.72 -14.11
CA HIS A 43 19.79 13.20 -12.76
C HIS A 43 20.55 12.35 -11.75
N PRO A 44 20.90 12.92 -10.59
CA PRO A 44 20.73 14.34 -10.23
C PRO A 44 21.54 15.27 -11.12
N ALA A 45 20.94 16.39 -11.54
CA ALA A 45 21.73 17.47 -12.09
C ALA A 45 22.31 18.35 -11.00
N GLY A 46 21.69 18.36 -9.80
CA GLY A 46 22.23 19.10 -8.67
C GLY A 46 21.88 18.38 -7.39
N ILE A 47 22.66 18.67 -6.34
CA ILE A 47 22.56 18.01 -5.05
C ILE A 47 22.75 19.06 -3.97
N HIS A 48 21.96 19.01 -2.91
CA HIS A 48 22.15 19.88 -1.76
C HIS A 48 22.80 19.10 -0.63
N LYS A 49 23.83 19.67 -0.01
CA LYS A 49 24.46 19.03 1.16
C LYS A 49 25.07 20.12 2.04
N ASN A 50 24.77 20.06 3.34
CA ASN A 50 25.40 20.91 4.35
C ASN A 50 25.32 22.40 3.98
N GLY A 51 24.15 22.81 3.47
CA GLY A 51 23.92 24.21 3.22
C GLY A 51 24.46 24.73 1.90
N ILE A 52 25.01 23.84 1.06
CA ILE A 52 25.55 24.19 -0.25
C ILE A 52 24.74 23.45 -1.31
N THR A 53 24.29 24.16 -2.35
CA THR A 53 23.62 23.51 -3.47
C THR A 53 24.58 23.45 -4.64
N TYR A 54 24.92 22.24 -5.05
CA TYR A 54 25.77 22.01 -6.21
C TYR A 54 24.91 21.81 -7.44
N VAL A 55 25.32 22.41 -8.57
CA VAL A 55 24.51 22.36 -9.78
C VAL A 55 25.39 22.08 -10.99
N SER A 56 24.87 21.32 -11.94
CA SER A 56 25.66 20.99 -13.12
C SER A 56 24.78 21.05 -14.35
N TYR A 57 25.40 21.36 -15.48
CA TYR A 57 24.65 21.55 -16.72
C TYR A 57 25.64 21.45 -17.87
N GLN A 58 25.10 21.43 -19.08
CA GLN A 58 25.90 21.31 -20.29
C GLN A 58 26.28 22.69 -20.86
N GLY A 59 27.58 22.95 -20.96
CA GLY A 59 28.08 24.22 -21.47
C GLY A 59 28.74 24.07 -22.82
N PRO A 60 29.58 25.05 -23.16
CA PRO A 60 30.21 25.08 -24.48
C PRO A 60 30.87 23.75 -24.83
N LYS A 61 30.76 23.39 -26.11
CA LYS A 61 31.25 22.11 -26.65
C LYS A 61 30.69 20.92 -25.89
N GLU A 62 29.52 21.11 -25.28
CA GLU A 62 28.80 20.06 -24.54
C GLU A 62 29.61 19.55 -23.35
N ASP A 63 30.58 20.36 -22.89
CA ASP A 63 31.35 19.96 -21.72
C ASP A 63 30.54 20.19 -20.46
N PRO A 64 30.78 19.40 -19.41
CA PRO A 64 30.02 19.57 -18.17
C PRO A 64 30.57 20.74 -17.36
N TYR A 65 29.66 21.59 -16.88
CA TYR A 65 30.05 22.68 -15.99
C TYR A 65 29.36 22.52 -14.65
N ILE A 66 30.03 22.97 -13.59
CA ILE A 66 29.48 22.83 -12.24
C ILE A 66 29.70 24.13 -11.46
N ALA A 67 28.68 24.53 -10.70
CA ALA A 67 28.76 25.69 -9.82
C ALA A 67 28.19 25.29 -8.47
N SER A 68 28.36 26.15 -7.46
CA SER A 68 27.75 25.89 -6.16
C SER A 68 27.26 27.19 -5.55
N TYR A 69 26.21 27.10 -4.73
CA TYR A 69 25.67 28.24 -4.02
C TYR A 69 25.70 27.94 -2.54
N ASN A 70 26.28 28.84 -1.77
CA ASN A 70 26.37 28.68 -0.33
C ASN A 70 25.22 29.48 0.27
N HIS A 71 24.23 28.76 0.83
CA HIS A 71 23.01 29.41 1.26
C HIS A 71 23.21 30.30 2.48
N GLN A 72 24.23 30.02 3.29
CA GLN A 72 24.44 30.86 4.47
C GLN A 72 25.15 32.16 4.12
N THR A 73 26.15 32.09 3.23
CA THR A 73 26.93 33.29 2.90
C THR A 73 26.37 34.03 1.69
N GLY A 74 25.54 33.38 0.90
CA GLY A 74 25.01 33.97 -0.29
C GLY A 74 25.95 33.99 -1.47
N GLN A 75 27.05 33.26 -1.41
CA GLN A 75 28.08 33.37 -2.44
C GLN A 75 28.03 32.17 -3.38
N TRP A 76 28.17 32.47 -4.67
CA TRP A 76 28.33 31.46 -5.70
C TRP A 76 29.81 31.17 -5.94
N GLN A 77 30.08 29.92 -6.29
CA GLN A 77 31.37 29.48 -6.81
C GLN A 77 31.16 28.94 -8.22
N GLY A 78 32.12 29.21 -9.10
CA GLY A 78 32.09 28.69 -10.46
C GLY A 78 31.20 29.51 -11.37
N PRO A 79 30.80 28.93 -12.52
CA PRO A 79 30.98 27.53 -12.91
C PRO A 79 32.41 27.19 -13.37
N PHE A 80 32.75 25.90 -13.23
CA PHE A 80 34.03 25.33 -13.62
C PHE A 80 33.75 24.17 -14.56
N ARG A 81 34.60 24.00 -15.57
CA ARG A 81 34.48 22.86 -16.47
C ARG A 81 35.04 21.62 -15.80
N ALA A 82 34.25 20.56 -15.78
CA ALA A 82 34.62 19.34 -15.08
C ALA A 82 35.23 18.27 -15.98
N GLY A 83 35.12 18.42 -17.30
CA GLY A 83 35.62 17.37 -18.19
C GLY A 83 35.50 17.82 -19.62
N ILE A 84 35.92 16.95 -20.53
CA ILE A 84 36.00 17.25 -21.96
C ILE A 84 35.18 16.19 -22.69
N SER A 85 34.04 16.60 -23.26
CA SER A 85 33.15 15.68 -23.95
C SER A 85 33.55 15.51 -25.41
N GLU A 86 33.50 14.26 -25.88
CA GLU A 86 33.67 14.05 -27.31
C GLU A 86 32.51 14.62 -28.12
N LEU A 87 31.33 14.78 -27.50
CA LEU A 87 30.15 15.13 -28.27
C LEU A 87 30.18 16.56 -28.79
N GLY A 88 31.04 17.41 -28.23
CA GLY A 88 31.16 18.78 -28.70
C GLY A 88 32.24 18.98 -29.73
N ARG A 89 32.88 17.88 -30.14
CA ARG A 89 34.01 17.92 -31.05
C ARG A 89 33.83 16.93 -32.18
N ARG A 90 32.58 16.71 -32.59
CA ARG A 90 32.26 15.82 -33.69
C ARG A 90 32.49 16.51 -35.02
N ASP A 91 32.74 15.70 -36.05
CA ASP A 91 32.86 16.21 -37.42
C ASP A 91 31.49 16.12 -38.07
N GLY A 92 30.75 17.22 -38.03
CA GLY A 92 29.46 17.26 -38.67
C GLY A 92 28.33 16.71 -37.80
N GLY A 93 27.26 16.29 -38.47
CA GLY A 93 26.10 15.77 -37.78
C GLY A 93 25.32 16.88 -37.10
N LYS A 94 24.47 16.47 -36.16
CA LYS A 94 23.67 17.44 -35.41
C LYS A 94 24.58 18.46 -34.74
N LYS A 95 24.15 19.73 -34.71
CA LYS A 95 24.97 20.76 -34.11
C LYS A 95 25.29 20.42 -32.65
N PHE A 96 24.26 20.15 -31.84
CA PHE A 96 24.41 19.70 -30.47
C PHE A 96 23.72 18.35 -30.28
N ASP A 97 24.40 17.45 -29.61
CA ASP A 97 23.89 16.12 -29.35
C ASP A 97 23.03 16.09 -28.08
N ASN A 98 23.56 16.59 -26.95
CA ASN A 98 22.89 16.81 -25.70
C ASN A 98 22.74 15.56 -24.82
N ASN A 99 22.96 14.36 -25.34
CA ASN A 99 22.67 13.16 -24.55
C ASN A 99 23.74 12.86 -23.52
N GLY A 100 24.81 13.65 -23.51
CA GLY A 100 25.85 13.51 -22.50
C GLY A 100 25.96 14.68 -21.53
N LYS A 101 24.90 15.49 -21.39
CA LYS A 101 24.88 16.49 -20.33
C LYS A 101 25.06 15.80 -18.98
N PRO A 102 25.54 16.51 -17.96
CA PRO A 102 26.14 15.82 -16.81
C PRO A 102 25.16 15.36 -15.75
N THR A 103 25.59 14.29 -15.05
CA THR A 103 24.94 13.75 -13.86
C THR A 103 25.92 13.80 -12.70
N MET A 104 25.44 14.17 -11.50
CA MET A 104 26.29 14.41 -10.33
C MET A 104 26.04 13.42 -9.21
N LEU A 105 27.08 13.17 -8.39
CA LEU A 105 26.97 12.37 -7.18
C LEU A 105 28.07 12.82 -6.23
N ILE A 106 27.75 12.90 -4.94
CA ILE A 106 28.74 13.20 -3.90
C ILE A 106 28.95 11.94 -3.10
N ASP A 107 30.19 11.46 -3.05
CA ASP A 107 30.45 10.20 -2.38
C ASP A 107 30.70 10.42 -0.88
N ASP A 108 30.75 9.31 -0.14
CA ASP A 108 30.87 9.39 1.32
C ASP A 108 32.17 10.03 1.79
N GLU A 109 33.16 10.25 0.92
CA GLU A 109 34.35 10.98 1.33
C GLU A 109 34.30 12.43 0.86
N GLY A 110 33.20 12.84 0.25
CA GLY A 110 33.03 14.22 -0.14
C GLY A 110 33.51 14.53 -1.53
N TYR A 111 34.02 13.55 -2.27
CA TYR A 111 34.39 13.82 -3.65
C TYR A 111 33.15 13.96 -4.51
N ILE A 112 33.17 14.93 -5.40
CA ILE A 112 32.08 15.17 -6.33
C ILE A 112 32.39 14.45 -7.65
N HIS A 113 31.46 13.61 -8.06
CA HIS A 113 31.55 12.84 -9.29
C HIS A 113 30.63 13.45 -10.33
N ILE A 114 31.13 13.54 -11.56
CA ILE A 114 30.34 13.95 -12.71
C ILE A 114 30.43 12.85 -13.78
N PHE A 115 29.27 12.34 -14.21
CA PHE A 115 29.19 11.39 -15.32
C PHE A 115 28.65 12.14 -16.52
N TYR A 116 29.26 11.96 -17.69
CA TYR A 116 28.93 12.86 -18.79
C TYR A 116 29.49 12.29 -20.09
N GLY A 117 29.06 12.90 -21.21
CA GLY A 117 29.73 12.78 -22.48
C GLY A 117 29.34 11.61 -23.36
N GLY A 118 28.52 10.68 -22.86
CA GLY A 118 28.24 9.47 -23.61
C GLY A 118 26.97 9.56 -24.45
N HIS A 119 27.07 9.08 -25.67
CA HIS A 119 25.92 8.76 -26.51
C HIS A 119 26.18 7.42 -27.18
N GLY A 120 26.67 6.49 -26.38
CA GLY A 120 26.71 5.08 -26.73
C GLY A 120 28.08 4.60 -27.21
N GLY A 121 29.09 5.48 -27.21
CA GLY A 121 30.42 5.09 -27.64
C GLY A 121 30.50 4.98 -29.16
N GLN A 122 31.59 4.39 -29.62
CA GLN A 122 31.82 4.18 -31.05
C GLN A 122 32.79 3.02 -31.19
N ALA A 123 33.03 2.62 -32.44
CA ALA A 123 33.86 1.44 -32.70
C ALA A 123 35.27 1.57 -32.13
N SER A 124 35.82 2.80 -32.03
CA SER A 124 37.15 2.95 -31.48
C SER A 124 37.27 2.48 -30.03
N ASN A 125 36.13 2.40 -29.30
CA ASN A 125 36.17 2.00 -27.89
C ASN A 125 36.17 0.49 -27.69
N GLY A 126 35.84 -0.28 -28.70
CA GLY A 126 35.74 -1.72 -28.61
C GLY A 126 34.48 -2.23 -29.27
N LYS A 127 34.22 -3.52 -29.09
CA LYS A 127 32.97 -4.15 -29.50
C LYS A 127 32.04 -4.11 -28.30
N ASN A 128 30.92 -3.41 -28.45
CA ASN A 128 29.98 -3.28 -27.36
C ASN A 128 29.25 -4.60 -27.18
N PRO A 129 29.42 -5.30 -26.05
CA PRO A 129 28.83 -6.64 -25.90
C PRO A 129 27.34 -6.62 -25.58
N LEU A 130 26.79 -5.47 -25.19
CA LEU A 130 25.42 -5.40 -24.69
C LEU A 130 24.57 -4.42 -25.49
N GLY A 131 25.03 -4.01 -26.66
CA GLY A 131 24.20 -3.15 -27.49
C GLY A 131 24.98 -2.65 -28.68
N ASN A 132 24.43 -1.59 -29.30
CA ASN A 132 25.04 -0.95 -30.46
C ASN A 132 25.68 0.36 -30.00
N THR A 133 26.26 1.09 -30.96
CA THR A 133 27.01 2.31 -30.64
C THR A 133 26.51 3.47 -31.48
N HIS A 134 27.01 4.66 -31.18
CA HIS A 134 26.69 5.81 -31.99
C HIS A 134 27.91 6.72 -31.99
N HIS A 135 28.00 7.67 -31.08
CA HIS A 135 29.27 8.36 -30.87
C HIS A 135 29.37 8.87 -29.44
N GLY A 136 30.61 9.18 -29.02
CA GLY A 136 30.83 9.79 -27.73
C GLY A 136 30.96 8.77 -26.62
N ALA A 137 32.18 8.62 -26.12
CA ALA A 137 32.41 7.69 -25.02
C ALA A 137 31.91 8.29 -23.72
N ASN A 138 31.17 7.48 -22.97
CA ASN A 138 30.65 7.89 -21.66
C ASN A 138 31.80 7.99 -20.65
N LYS A 139 31.80 9.07 -19.87
CA LYS A 139 32.97 9.48 -19.08
C LYS A 139 32.61 9.74 -17.62
N HIS A 140 33.65 9.75 -16.79
CA HIS A 140 33.52 9.87 -15.35
C HIS A 140 34.66 10.75 -14.86
N ALA A 141 34.31 11.92 -14.33
CA ALA A 141 35.28 12.84 -13.74
C ALA A 141 35.05 12.88 -12.24
N VAL A 142 36.10 13.21 -11.49
CA VAL A 142 35.93 13.37 -10.05
C VAL A 142 36.73 14.57 -9.58
N SER A 143 36.19 15.27 -8.60
CA SER A 143 36.90 16.41 -8.03
C SER A 143 38.23 15.94 -7.43
N LYS A 144 39.27 16.78 -7.56
CA LYS A 144 40.56 16.41 -7.00
C LYS A 144 40.53 16.43 -5.47
N ARG A 145 39.66 17.23 -4.87
CA ARG A 145 39.61 17.35 -3.42
C ARG A 145 38.16 17.31 -3.00
N PRO A 146 37.88 16.84 -1.79
CA PRO A 146 36.47 16.78 -1.35
C PRO A 146 35.87 18.17 -1.30
N TYR A 147 34.61 18.28 -1.75
CA TYR A 147 33.79 19.49 -1.63
C TYR A 147 34.41 20.69 -2.32
N ASP A 148 35.31 20.43 -3.27
CA ASP A 148 35.97 21.49 -4.04
C ASP A 148 35.63 21.26 -5.50
N ILE A 149 34.81 22.15 -6.08
CA ILE A 149 34.38 21.98 -7.47
C ILE A 149 35.33 22.62 -8.49
N SER A 150 36.50 23.11 -8.03
CA SER A 150 37.35 23.90 -8.93
C SER A 150 38.33 23.05 -9.75
N GLN A 151 38.65 21.83 -9.34
CA GLN A 151 39.66 21.03 -10.04
C GLN A 151 39.20 19.60 -10.18
N TRP A 152 39.47 19.01 -11.34
CA TRP A 152 38.86 17.75 -11.73
C TRP A 152 39.91 16.81 -12.32
N GLU A 153 39.67 15.51 -12.17
CA GLU A 153 40.49 14.52 -12.85
C GLU A 153 39.60 13.48 -13.49
N ASP A 154 40.09 12.90 -14.58
CA ASP A 154 39.35 11.86 -15.28
C ASP A 154 39.59 10.51 -14.62
N LEU A 155 38.51 9.76 -14.43
CA LEU A 155 38.62 8.36 -14.02
C LEU A 155 38.30 7.43 -15.17
N ASN A 156 37.22 7.71 -15.88
CA ASN A 156 36.80 6.93 -17.03
C ASN A 156 37.03 5.45 -16.74
N ASN A 157 36.39 4.99 -15.67
CA ASN A 157 36.46 3.62 -15.15
C ASN A 157 35.12 2.92 -15.27
N ILE A 158 34.24 3.45 -16.09
CA ILE A 158 32.99 2.83 -16.46
C ILE A 158 33.07 2.51 -17.95
N THR A 159 32.13 1.70 -18.42
CA THR A 159 32.18 1.37 -19.85
C THR A 159 31.96 2.62 -20.70
N PRO A 160 32.69 2.78 -21.80
CA PRO A 160 32.42 3.89 -22.70
C PRO A 160 31.08 3.79 -23.42
N PHE A 161 30.44 2.62 -23.43
CA PHE A 161 29.19 2.41 -24.16
C PHE A 161 28.06 2.76 -23.21
N GLY A 162 27.74 4.04 -23.15
CA GLY A 162 26.73 4.52 -22.22
C GLY A 162 25.99 5.73 -22.74
N THR A 163 24.69 5.79 -22.42
CA THR A 163 23.85 6.97 -22.55
C THR A 163 22.94 7.00 -21.33
N TYR A 164 22.63 8.22 -20.86
CA TYR A 164 21.63 8.49 -19.83
C TYR A 164 22.05 8.07 -18.42
N ASN A 165 23.13 8.69 -17.94
CA ASN A 165 23.64 8.43 -16.61
C ASN A 165 22.68 8.82 -15.51
N GLN A 166 22.44 7.91 -14.57
CA GLN A 166 21.63 8.20 -13.41
C GLN A 166 22.33 7.59 -12.23
N ALA A 167 22.76 8.44 -11.29
CA ALA A 167 23.68 8.03 -10.24
C ALA A 167 22.96 8.05 -8.90
N ILE A 168 23.03 6.93 -8.18
CA ILE A 168 22.33 6.74 -6.90
C ILE A 168 23.33 6.26 -5.86
N LYS A 169 23.32 6.88 -4.70
CA LYS A 169 24.15 6.44 -3.57
C LYS A 169 23.24 5.92 -2.46
N MET A 170 23.53 4.72 -1.96
CA MET A 170 22.71 4.16 -0.90
C MET A 170 23.25 4.61 0.46
N ASP A 171 22.51 4.28 1.53
CA ASP A 171 22.90 4.73 2.86
C ASP A 171 24.27 4.20 3.28
N ASN A 172 24.66 3.03 2.79
CA ASN A 172 25.96 2.49 3.17
C ASN A 172 27.09 3.03 2.30
N GLY A 173 26.80 4.00 1.42
CA GLY A 173 27.82 4.57 0.58
C GLY A 173 27.98 3.92 -0.79
N ASP A 174 27.38 2.74 -0.99
CA ASP A 174 27.47 2.07 -2.29
C ASP A 174 26.87 2.96 -3.38
N ILE A 175 27.47 2.89 -4.57
CA ILE A 175 27.10 3.73 -5.70
C ILE A 175 26.63 2.85 -6.85
N TYR A 176 25.43 3.15 -7.36
CA TYR A 176 24.87 2.51 -8.53
C TYR A 176 24.73 3.55 -9.64
N LEU A 177 25.36 3.28 -10.77
CA LEU A 177 25.24 4.10 -11.97
C LEU A 177 24.40 3.31 -12.98
N PHE A 178 23.19 3.80 -13.24
CA PHE A 178 22.28 3.24 -14.23
C PHE A 178 22.46 3.99 -15.54
N PHE A 179 22.42 3.26 -16.65
CA PHE A 179 22.51 3.84 -17.99
C PHE A 179 22.11 2.81 -19.03
N ARG A 180 21.93 3.29 -20.26
CA ARG A 180 21.78 2.41 -21.42
C ARG A 180 23.16 2.07 -21.98
N HIS A 181 23.44 0.78 -22.15
CA HIS A 181 24.79 0.29 -22.49
C HIS A 181 25.01 0.35 -24.01
N GLY A 182 24.92 1.56 -24.54
CA GLY A 182 25.08 1.82 -25.96
C GLY A 182 24.03 2.79 -26.48
N ALA A 183 23.73 2.68 -27.79
CA ALA A 183 22.71 3.52 -28.41
C ALA A 183 21.36 2.81 -28.34
N HIS A 184 20.45 3.02 -29.30
CA HIS A 184 19.08 2.51 -29.10
C HIS A 184 19.04 1.02 -28.82
N ARG A 185 19.86 0.25 -29.51
CA ARG A 185 19.65 -1.19 -29.57
C ARG A 185 20.57 -1.86 -28.54
N SER A 186 20.25 -1.60 -27.28
CA SER A 186 21.14 -1.91 -26.17
C SER A 186 20.32 -2.24 -24.93
N ASP A 187 20.89 -3.09 -24.08
CA ASP A 187 20.33 -3.31 -22.76
C ASP A 187 20.50 -2.07 -21.89
N TRP A 188 19.65 -1.95 -20.89
CA TRP A 188 19.89 -1.03 -19.79
C TRP A 188 20.53 -1.79 -18.63
N VAL A 189 21.45 -1.13 -17.97
CA VAL A 189 22.32 -1.80 -17.01
C VAL A 189 22.56 -0.88 -15.81
N TYR A 190 23.16 -1.46 -14.78
CA TYR A 190 23.84 -0.66 -13.80
C TYR A 190 25.25 -1.19 -13.60
N GLN A 191 26.13 -0.30 -13.14
CA GLN A 191 27.44 -0.68 -12.61
C GLN A 191 27.53 -0.20 -11.17
N LYS A 192 27.99 -1.08 -10.28
CA LYS A 192 28.01 -0.83 -8.84
C LYS A 192 29.45 -0.64 -8.36
N SER A 193 29.64 0.35 -7.51
CA SER A 193 30.94 0.57 -6.86
C SER A 193 30.75 0.60 -5.34
N VAL A 194 31.64 -0.10 -4.64
CA VAL A 194 31.64 -0.09 -3.17
C VAL A 194 32.84 0.68 -2.61
N ASP A 195 33.61 1.34 -3.47
CA ASP A 195 34.80 2.05 -3.02
C ASP A 195 34.74 3.52 -3.41
N ASN A 196 33.56 4.12 -3.30
CA ASN A 196 33.36 5.55 -3.56
C ASN A 196 33.61 5.91 -5.01
N GLY A 197 33.29 5.00 -5.91
CA GLY A 197 33.34 5.33 -7.32
C GLY A 197 34.69 5.15 -7.95
N ARG A 198 35.65 4.56 -7.23
CA ARG A 198 36.99 4.41 -7.76
C ARG A 198 37.13 3.17 -8.62
N THR A 199 36.33 2.12 -8.36
CA THR A 199 36.27 0.97 -9.23
C THR A 199 34.81 0.53 -9.31
N PHE A 200 34.41 0.08 -10.49
CA PHE A 200 33.06 -0.41 -10.74
C PHE A 200 33.09 -1.87 -11.16
N ALA A 201 32.12 -2.64 -10.68
CA ALA A 201 31.93 -4.00 -11.15
C ALA A 201 31.32 -3.98 -12.56
N SER A 202 31.33 -5.15 -13.21
CA SER A 202 30.85 -5.22 -14.58
C SER A 202 29.35 -4.92 -14.62
N PRO A 203 28.87 -4.39 -15.75
CA PRO A 203 27.44 -4.04 -15.86
C PRO A 203 26.53 -5.25 -15.66
N VAL A 204 25.39 -4.99 -15.01
CA VAL A 204 24.32 -5.96 -14.80
C VAL A 204 23.12 -5.51 -15.62
N SER A 205 22.68 -6.32 -16.59
CA SER A 205 21.53 -5.96 -17.42
C SER A 205 20.22 -6.14 -16.68
N PHE A 206 19.37 -5.11 -16.69
CA PHE A 206 18.03 -5.28 -16.13
C PHE A 206 16.91 -5.08 -17.13
N LEU A 207 17.20 -4.59 -18.34
CA LEU A 207 16.20 -4.52 -19.40
C LEU A 207 16.86 -5.00 -20.68
N LYS A 208 16.19 -5.93 -21.36
CA LYS A 208 16.78 -6.62 -22.49
C LYS A 208 16.39 -5.96 -23.81
N HIS A 209 17.36 -5.73 -24.67
CA HIS A 209 17.07 -5.46 -26.07
C HIS A 209 17.19 -6.76 -26.85
N LYS A 210 16.39 -6.88 -27.90
CA LYS A 210 16.44 -8.09 -28.72
C LYS A 210 15.54 -7.91 -29.93
N ARG A 211 15.70 -8.82 -30.89
CA ARG A 211 14.83 -8.87 -32.05
C ARG A 211 13.42 -9.33 -31.66
N ARG A 212 12.43 -8.64 -32.19
CA ARG A 212 11.06 -9.09 -32.03
C ARG A 212 10.78 -10.24 -32.99
N THR A 213 9.95 -11.18 -32.56
CA THR A 213 9.59 -12.31 -33.41
C THR A 213 8.33 -12.06 -34.21
N ASP A 214 7.78 -10.84 -34.18
CA ASP A 214 6.53 -10.53 -34.88
C ASP A 214 6.63 -9.37 -35.86
N ILE A 215 7.57 -8.44 -35.66
CA ILE A 215 7.73 -7.29 -36.54
C ILE A 215 9.21 -7.00 -36.73
N ASP A 216 9.51 -6.19 -37.75
CA ASP A 216 10.90 -5.85 -38.08
C ASP A 216 11.34 -4.66 -37.22
N ALA A 217 11.40 -4.91 -35.91
CA ALA A 217 11.86 -3.92 -34.95
C ALA A 217 12.66 -4.63 -33.87
N VAL A 218 13.40 -3.82 -33.11
CA VAL A 218 14.15 -4.25 -31.95
C VAL A 218 13.48 -3.67 -30.71
N ASP A 219 13.33 -4.50 -29.66
CA ASP A 219 12.95 -3.99 -28.35
C ASP A 219 13.99 -3.00 -27.80
N SER A 220 13.52 -1.83 -27.38
CA SER A 220 14.36 -0.75 -26.87
C SER A 220 13.63 -0.05 -25.74
N TRP A 221 14.39 0.64 -24.89
CA TRP A 221 13.83 1.12 -23.64
C TRP A 221 14.38 2.48 -23.24
N TYR A 222 13.63 3.17 -22.41
CA TYR A 222 14.13 4.35 -21.71
C TYR A 222 13.67 4.25 -20.25
N ALA A 223 14.62 4.28 -19.33
CA ALA A 223 14.33 4.12 -17.90
C ALA A 223 14.71 5.38 -17.13
N TRP A 224 14.06 5.57 -15.99
CA TRP A 224 14.41 6.57 -15.00
C TRP A 224 14.50 5.82 -13.67
N ALA A 225 15.68 5.82 -13.06
CA ALA A 225 15.87 5.17 -11.77
C ALA A 225 16.06 6.22 -10.69
N GLY A 226 15.45 5.98 -9.52
CA GLY A 226 15.67 6.86 -8.39
C GLY A 226 15.54 6.09 -7.09
N LYS A 227 15.79 6.78 -5.98
CA LYS A 227 15.64 6.17 -4.68
C LYS A 227 14.19 5.82 -4.39
N GLY A 228 14.00 4.64 -3.81
CA GLY A 228 12.76 4.26 -3.16
C GLY A 228 12.87 4.46 -1.68
N GLN A 229 12.34 3.51 -0.91
CA GLN A 229 12.52 3.58 0.52
C GLN A 229 13.42 2.44 0.98
N GLY A 230 14.03 2.63 2.15
CA GLY A 230 14.94 1.62 2.66
C GLY A 230 16.14 1.47 1.76
N ASP A 231 16.41 0.24 1.33
CA ASP A 231 17.51 -0.04 0.43
C ASP A 231 17.01 -0.32 -1.00
N ASN A 232 15.83 0.20 -1.33
CA ASN A 232 15.25 -0.01 -2.65
C ASN A 232 15.54 1.15 -3.59
N ILE A 233 15.72 0.79 -4.86
CA ILE A 233 15.78 1.71 -6.00
C ILE A 233 14.55 1.43 -6.84
N ILE A 234 13.89 2.48 -7.32
CA ILE A 234 12.67 2.29 -8.11
C ILE A 234 12.95 2.78 -9.53
N VAL A 235 12.32 2.12 -10.51
CA VAL A 235 12.61 2.36 -11.92
C VAL A 235 11.30 2.39 -12.71
N SER A 236 11.04 3.52 -13.40
CA SER A 236 9.96 3.61 -14.36
C SER A 236 10.57 3.65 -15.77
N TYR A 237 9.81 3.18 -16.76
CA TYR A 237 10.40 3.13 -18.09
C TYR A 237 9.32 3.09 -19.12
N ASP A 238 9.63 3.60 -20.32
CA ASP A 238 8.73 3.37 -21.45
C ASP A 238 9.45 2.55 -22.51
N TYR A 239 8.68 2.05 -23.47
CA TYR A 239 9.18 1.15 -24.49
C TYR A 239 9.35 1.88 -25.81
N HIS A 240 10.47 1.63 -26.49
CA HIS A 240 10.75 2.21 -27.80
C HIS A 240 10.63 1.11 -28.84
N VAL A 241 9.71 1.30 -29.79
CA VAL A 241 9.62 0.43 -30.96
C VAL A 241 10.71 0.88 -31.92
N CYS A 242 11.82 0.17 -31.95
CA CYS A 242 12.98 0.60 -32.73
C CYS A 242 12.92 -0.05 -34.10
N TRP A 243 12.25 0.64 -35.03
CA TRP A 243 11.98 0.09 -36.36
C TRP A 243 13.25 0.01 -37.19
N ASP A 244 13.39 -1.09 -37.92
CA ASP A 244 14.41 -1.15 -38.95
C ASP A 244 14.13 -0.07 -40.00
N GLY A 245 15.18 0.36 -40.68
CA GLY A 245 14.97 1.25 -41.81
C GLY A 245 14.03 0.66 -42.83
N GLY A 246 13.04 1.43 -43.28
CA GLY A 246 12.08 0.95 -44.26
C GLY A 246 10.96 0.08 -43.74
N ALA A 247 10.97 -0.27 -42.45
CA ALA A 247 9.92 -1.08 -41.87
C ALA A 247 8.72 -0.19 -41.54
N GLY A 248 7.70 -0.80 -40.94
CA GLY A 248 6.60 -0.05 -40.39
C GLY A 248 5.55 0.31 -41.41
N VAL A 249 4.48 0.94 -40.92
CA VAL A 249 3.37 1.30 -41.76
C VAL A 249 3.88 2.15 -42.91
N ASN A 250 3.63 1.70 -44.14
CA ASN A 250 4.04 2.42 -45.34
C ASN A 250 5.53 2.71 -45.33
N GLY A 251 6.30 1.83 -44.69
CA GLY A 251 7.76 1.97 -44.66
C GLY A 251 8.24 3.25 -44.02
N ARG A 252 7.57 3.70 -42.95
CA ARG A 252 7.94 4.98 -42.34
C ARG A 252 9.36 4.96 -41.80
N GLY A 253 9.87 3.78 -41.46
CA GLY A 253 11.25 3.68 -41.02
C GLY A 253 11.40 4.00 -39.54
N HIS A 254 12.60 4.40 -39.17
CA HIS A 254 12.95 4.54 -37.76
C HIS A 254 12.58 5.93 -37.26
N THR A 255 11.77 5.97 -36.23
CA THR A 255 11.30 7.19 -35.58
C THR A 255 11.70 7.12 -34.10
N THR A 256 11.19 8.07 -33.31
CA THR A 256 11.30 8.00 -31.85
C THR A 256 10.08 7.33 -31.20
N GLU A 257 9.30 6.55 -31.96
CA GLU A 257 8.07 5.95 -31.43
C GLU A 257 8.32 5.25 -30.10
N ARG A 258 7.62 5.68 -29.07
CA ARG A 258 7.67 5.06 -27.75
C ARG A 258 6.25 4.91 -27.24
N HIS A 259 5.99 3.87 -26.44
CA HIS A 259 4.66 3.74 -25.85
C HIS A 259 4.75 3.26 -24.42
N ASP A 260 3.66 3.52 -23.68
CA ASP A 260 3.32 2.91 -22.39
C ASP A 260 4.27 3.30 -21.26
N VAL A 261 3.98 2.88 -20.04
CA VAL A 261 4.95 3.10 -18.97
C VAL A 261 4.87 1.93 -18.00
N TYR A 262 6.04 1.54 -17.47
CA TYR A 262 6.22 0.35 -16.63
C TYR A 262 6.88 0.77 -15.32
N PHE A 263 6.85 -0.14 -14.33
CA PHE A 263 7.48 0.13 -13.03
C PHE A 263 8.05 -1.16 -12.45
N MET A 264 9.24 -1.07 -11.86
CA MET A 264 9.72 -2.15 -11.01
C MET A 264 10.69 -1.62 -9.98
N SER A 265 11.04 -2.49 -9.03
CA SER A 265 11.84 -2.11 -7.87
C SER A 265 13.05 -3.03 -7.76
N PHE A 266 14.13 -2.48 -7.21
CA PHE A 266 15.41 -3.15 -7.08
C PHE A 266 15.84 -3.08 -5.62
N ASN A 267 15.92 -4.21 -4.95
CA ASN A 267 16.37 -4.24 -3.56
C ASN A 267 17.89 -4.38 -3.57
N THR A 268 18.59 -3.31 -3.20
CA THR A 268 20.05 -3.35 -3.29
C THR A 268 20.69 -4.19 -2.19
N LYS A 269 19.95 -4.59 -1.16
CA LYS A 269 20.52 -5.49 -0.16
C LYS A 269 20.53 -6.93 -0.67
N THR A 270 19.41 -7.40 -1.21
CA THR A 270 19.30 -8.78 -1.67
C THR A 270 19.72 -8.95 -3.12
N GLY A 271 19.70 -7.88 -3.92
CA GLY A 271 19.96 -7.98 -5.33
C GLY A 271 18.75 -8.24 -6.18
N GLU A 272 17.60 -8.54 -5.58
CA GLU A 272 16.44 -8.98 -6.33
C GLU A 272 15.54 -7.83 -6.80
N TRP A 273 14.93 -8.03 -7.96
CA TRP A 273 14.01 -7.11 -8.57
C TRP A 273 12.58 -7.65 -8.46
N SER A 274 11.61 -6.74 -8.38
CA SER A 274 10.24 -7.16 -8.20
C SER A 274 9.28 -6.13 -8.79
N ASN A 275 8.06 -6.56 -9.07
CA ASN A 275 7.07 -5.61 -9.54
C ASN A 275 6.39 -4.96 -8.34
N VAL A 276 5.36 -4.15 -8.59
CA VAL A 276 4.73 -3.38 -7.53
C VAL A 276 4.04 -4.28 -6.52
N GLU A 277 3.70 -5.51 -6.91
CA GLU A 277 3.11 -6.46 -5.99
C GLU A 277 4.15 -7.30 -5.27
N GLY A 278 5.43 -7.03 -5.48
CA GLY A 278 6.48 -7.79 -4.83
C GLY A 278 6.83 -9.10 -5.49
N GLU A 279 6.26 -9.41 -6.66
CA GLU A 279 6.65 -10.62 -7.38
C GLU A 279 8.06 -10.45 -7.95
N LYS A 280 8.92 -11.44 -7.74
CA LYS A 280 10.30 -11.30 -8.18
C LYS A 280 10.45 -11.59 -9.66
N LEU A 281 11.36 -10.84 -10.30
CA LEU A 281 11.60 -10.86 -11.73
C LEU A 281 12.99 -11.41 -12.02
N VAL A 282 13.11 -12.23 -13.06
CA VAL A 282 14.41 -12.71 -13.53
C VAL A 282 15.02 -11.67 -14.47
N LEU A 283 16.28 -11.32 -14.21
CA LEU A 283 16.93 -10.34 -15.06
C LEU A 283 17.64 -10.99 -16.24
N PRO A 284 17.71 -10.31 -17.39
CA PRO A 284 17.11 -9.00 -17.64
C PRO A 284 15.65 -9.16 -18.01
N VAL A 285 14.87 -8.15 -17.71
CA VAL A 285 13.45 -8.16 -18.00
C VAL A 285 13.25 -7.94 -19.49
N THR A 286 12.48 -8.82 -20.13
CA THR A 286 12.10 -8.71 -21.52
C THR A 286 10.78 -7.95 -21.66
N ARG A 287 10.48 -7.54 -22.89
CA ARG A 287 9.20 -6.89 -23.15
C ARG A 287 8.04 -7.80 -22.76
N GLU A 288 8.15 -9.10 -23.05
CA GLU A 288 7.06 -9.99 -22.75
C GLU A 288 6.80 -10.09 -21.25
N VAL A 289 7.86 -10.19 -20.44
CA VAL A 289 7.66 -10.19 -18.99
C VAL A 289 7.15 -8.83 -18.52
N ALA A 290 7.70 -7.74 -19.08
CA ALA A 290 7.26 -6.41 -18.66
C ALA A 290 5.76 -6.22 -18.92
N ASP A 291 5.30 -6.57 -20.12
CA ASP A 291 3.87 -6.47 -20.42
C ASP A 291 3.02 -7.30 -19.47
N GLU A 292 3.52 -8.46 -19.03
CA GLU A 292 2.79 -9.32 -18.10
C GLU A 292 2.86 -8.83 -16.65
N LYS A 293 3.98 -8.26 -16.24
CA LYS A 293 4.27 -8.12 -14.81
C LYS A 293 4.53 -6.69 -14.33
N THR A 294 5.05 -5.81 -15.18
CA THR A 294 5.43 -4.50 -14.69
C THR A 294 4.73 -3.34 -15.40
N MET A 295 3.83 -3.62 -16.33
CA MET A 295 3.10 -2.54 -16.98
C MET A 295 2.37 -1.71 -15.93
N ALA A 296 2.51 -0.39 -16.02
CA ALA A 296 1.79 0.53 -15.15
C ALA A 296 0.62 1.23 -15.83
N MET A 297 0.80 1.72 -17.04
CA MET A 297 -0.30 2.36 -17.77
C MET A 297 -0.01 2.25 -19.26
N ARG A 298 -0.93 1.64 -19.99
CA ARG A 298 -0.87 1.65 -21.45
C ARG A 298 -1.29 3.02 -21.97
N THR A 299 -0.63 3.47 -23.05
CA THR A 299 -0.97 4.76 -23.66
C THR A 299 -1.60 4.58 -25.04
N GLY A 300 -1.92 3.35 -25.42
CA GLY A 300 -2.57 3.13 -26.71
C GLY A 300 -1.66 3.58 -27.84
N GLU A 301 -2.24 4.35 -28.77
CA GLU A 301 -1.46 4.87 -29.88
C GLU A 301 -0.68 6.13 -29.52
N LEU A 302 -0.85 6.67 -28.31
CA LEU A 302 -0.09 7.87 -27.93
C LEU A 302 1.38 7.53 -27.79
N TRP A 303 2.22 8.44 -28.27
CA TRP A 303 3.67 8.29 -28.16
C TRP A 303 4.16 8.93 -26.87
N THR A 304 5.10 8.27 -26.22
CA THR A 304 5.51 8.66 -24.88
C THR A 304 6.90 9.29 -24.87
N PHE A 305 7.15 10.02 -23.78
CA PHE A 305 8.49 10.47 -23.45
C PHE A 305 8.57 10.36 -21.94
N ASN A 306 9.53 9.57 -21.45
CA ASN A 306 9.48 9.18 -20.04
C ASN A 306 9.69 10.38 -19.12
N GLY A 307 9.15 10.27 -17.90
CA GLY A 307 9.32 11.25 -16.86
C GLY A 307 10.13 10.70 -15.69
N SER A 308 9.51 10.54 -14.53
CA SER A 308 10.22 10.16 -13.31
C SER A 308 9.24 9.39 -12.42
N THR A 309 9.72 8.87 -11.30
CA THR A 309 8.81 8.14 -10.42
C THR A 309 9.25 8.38 -8.98
N HIS A 310 8.27 8.40 -8.07
CA HIS A 310 8.52 8.66 -6.67
C HIS A 310 7.49 7.92 -5.84
N LEU A 311 7.89 7.53 -4.63
CA LEU A 311 6.94 6.84 -3.76
C LEU A 311 6.21 7.82 -2.85
N ASP A 312 4.93 7.54 -2.61
CA ASP A 312 4.23 8.33 -1.62
C ASP A 312 4.51 7.77 -0.22
N ALA A 313 3.89 8.39 0.78
CA ALA A 313 4.20 8.10 2.16
C ALA A 313 3.73 6.73 2.59
N GLN A 314 2.89 6.06 1.80
CA GLN A 314 2.52 4.67 2.04
C GLN A 314 3.38 3.71 1.24
N GLY A 315 4.42 4.21 0.58
CA GLY A 315 5.30 3.35 -0.18
C GLY A 315 4.81 3.02 -1.57
N GLN A 316 3.75 3.70 -2.05
CA GLN A 316 3.12 3.38 -3.32
C GLN A 316 3.71 4.25 -4.43
N PRO A 317 4.03 3.66 -5.58
CA PRO A 317 4.70 4.44 -6.63
C PRO A 317 3.75 5.34 -7.39
N HIS A 318 4.23 6.58 -7.62
CA HIS A 318 3.66 7.52 -8.56
C HIS A 318 4.60 7.72 -9.72
N ILE A 319 4.03 8.05 -10.89
CA ILE A 319 4.77 8.09 -12.15
C ILE A 319 4.33 9.33 -12.93
N ALA A 320 5.31 10.06 -13.44
CA ALA A 320 5.08 11.09 -14.44
C ALA A 320 5.45 10.49 -15.78
N ILE A 321 4.50 10.52 -16.72
CA ILE A 321 4.72 10.01 -18.05
C ILE A 321 4.21 11.06 -19.03
N ASN A 322 5.06 11.46 -19.97
CA ASN A 322 4.58 12.37 -21.01
C ASN A 322 4.06 11.56 -22.20
N ALA A 323 2.99 12.04 -22.82
CA ALA A 323 2.45 11.33 -23.98
C ALA A 323 1.73 12.31 -24.87
N GLY A 324 1.63 11.98 -26.16
CA GLY A 324 0.96 12.88 -27.08
C GLY A 324 0.59 12.17 -28.37
N ILE A 325 -0.35 12.79 -29.09
CA ILE A 325 -0.82 12.24 -30.35
C ILE A 325 0.29 12.29 -31.39
N ASP A 326 0.46 11.18 -32.11
CA ASP A 326 1.37 11.12 -33.25
C ASP A 326 0.78 11.91 -34.40
N LYS A 327 1.50 12.95 -34.82
CA LYS A 327 1.06 13.79 -35.94
C LYS A 327 1.85 13.52 -37.22
N GLY A 328 2.65 12.45 -37.25
CA GLY A 328 3.42 12.08 -38.42
C GLY A 328 4.86 12.56 -38.41
N ALA A 329 5.25 13.39 -37.44
CA ALA A 329 6.62 13.85 -37.36
C ALA A 329 7.54 12.71 -36.91
N LYS A 330 8.85 12.91 -37.10
CA LYS A 330 9.81 11.90 -36.68
C LYS A 330 9.75 11.67 -35.17
N THR A 331 9.35 12.69 -34.41
CA THR A 331 9.12 12.57 -32.97
C THR A 331 7.64 12.43 -32.64
N GLY A 332 6.79 12.16 -33.64
CA GLY A 332 5.36 12.01 -33.39
C GLY A 332 4.63 13.34 -33.32
N GLY A 333 4.67 13.99 -32.16
CA GLY A 333 4.11 15.30 -31.96
C GLY A 333 4.31 15.75 -30.52
N PRO A 334 3.76 16.92 -30.16
CA PRO A 334 3.94 17.43 -28.79
C PRO A 334 3.32 16.53 -27.76
N LYS A 335 3.97 16.44 -26.58
CA LYS A 335 3.57 15.52 -25.53
C LYS A 335 3.43 16.25 -24.21
N GLN A 336 2.40 15.88 -23.48
CA GLN A 336 2.04 16.49 -22.22
C GLN A 336 2.24 15.50 -21.07
N THR A 337 2.67 16.05 -19.93
CA THR A 337 2.86 15.25 -18.73
C THR A 337 1.52 14.75 -18.19
N ARG A 338 1.48 13.46 -17.84
CA ARG A 338 0.32 12.84 -17.21
C ARG A 338 0.76 12.14 -15.92
N HIS A 339 -0.16 11.99 -14.98
CA HIS A 339 0.16 11.39 -13.69
C HIS A 339 -0.51 10.03 -13.55
N VAL A 340 0.26 9.04 -13.11
CA VAL A 340 -0.19 7.67 -12.87
C VAL A 340 0.21 7.26 -11.46
N ARG A 341 -0.62 6.45 -10.81
CA ARG A 341 -0.23 5.98 -9.49
C ARG A 341 -0.82 4.62 -9.18
N TRP A 342 -0.13 3.92 -8.27
CA TRP A 342 -0.59 2.65 -7.72
C TRP A 342 -1.42 2.92 -6.48
N ASN A 343 -2.66 2.44 -6.45
CA ASN A 343 -3.50 2.79 -5.32
C ASN A 343 -3.47 1.72 -4.24
N GLY A 344 -2.57 0.73 -4.35
CA GLY A 344 -2.50 -0.39 -3.46
C GLY A 344 -3.10 -1.66 -4.02
N ASN A 345 -3.95 -1.54 -5.06
CA ASN A 345 -4.62 -2.69 -5.65
C ASN A 345 -4.57 -2.62 -7.16
N GLU A 346 -4.49 -1.41 -7.71
CA GLU A 346 -4.49 -1.24 -9.15
C GLU A 346 -3.78 0.06 -9.52
N TRP A 347 -3.30 0.11 -10.77
CA TRP A 347 -2.81 1.35 -11.35
C TRP A 347 -4.01 2.20 -11.78
N VAL A 348 -3.98 3.49 -11.45
CA VAL A 348 -5.05 4.41 -11.81
C VAL A 348 -4.41 5.67 -12.39
N GLY A 349 -5.26 6.56 -12.93
CA GLY A 349 -4.75 7.82 -13.42
C GLY A 349 -4.52 7.86 -14.91
N GLY A 350 -3.51 8.60 -15.32
CA GLY A 350 -3.30 8.89 -16.73
C GLY A 350 -3.80 10.24 -17.18
N ASP A 351 -4.34 11.05 -16.28
CA ASP A 351 -4.88 12.35 -16.66
C ASP A 351 -3.72 13.34 -16.83
N LYS A 352 -3.90 14.30 -17.75
CA LYS A 352 -2.89 15.33 -17.93
C LYS A 352 -2.78 16.20 -16.69
N VAL A 353 -1.55 16.62 -16.39
CA VAL A 353 -1.35 17.56 -15.29
C VAL A 353 -2.00 18.89 -15.61
N ILE A 354 -1.72 19.44 -16.78
CA ILE A 354 -2.29 20.72 -17.20
C ILE A 354 -3.55 20.43 -18.01
N PRO A 355 -4.73 20.79 -17.51
CA PRO A 355 -5.97 20.37 -18.20
C PRO A 355 -6.09 21.04 -19.55
N GLN A 356 -6.56 20.27 -20.54
CA GLN A 356 -6.87 20.74 -21.89
C GLN A 356 -5.64 21.24 -22.65
N TYR A 357 -4.44 21.11 -22.10
CA TYR A 357 -3.23 21.61 -22.77
C TYR A 357 -2.73 20.60 -23.79
N GLU A 358 -2.35 21.08 -24.98
CA GLU A 358 -2.05 20.23 -26.11
C GLU A 358 -0.66 20.46 -26.68
N ARG A 359 0.17 21.24 -26.00
CA ARG A 359 1.50 21.54 -26.49
C ARG A 359 2.48 20.72 -25.66
N VAL A 360 3.70 21.21 -25.48
CA VAL A 360 4.73 20.45 -24.76
C VAL A 360 4.71 20.87 -23.30
N SER A 361 4.63 19.89 -22.40
CA SER A 361 4.88 20.11 -20.99
C SER A 361 5.80 19.03 -20.45
N ARG A 362 6.60 19.40 -19.45
CA ARG A 362 7.48 18.48 -18.72
C ARG A 362 7.44 18.90 -17.28
N GLY A 363 7.74 17.99 -16.37
CA GLY A 363 7.78 18.38 -14.97
C GLY A 363 8.17 17.22 -14.08
N ASP A 364 8.69 17.56 -12.90
CA ASP A 364 8.93 16.58 -11.85
C ASP A 364 7.94 16.89 -10.73
N PHE A 365 7.71 15.92 -9.85
CA PHE A 365 6.70 16.11 -8.82
C PHE A 365 7.21 15.60 -7.48
N MET A 366 6.55 16.10 -6.44
CA MET A 366 6.68 15.64 -5.05
C MET A 366 5.33 15.08 -4.61
N VAL A 367 5.35 14.01 -3.81
CA VAL A 367 4.12 13.41 -3.31
C VAL A 367 4.29 13.10 -1.82
N THR A 368 3.22 13.31 -1.04
CA THR A 368 3.23 13.00 0.38
C THR A 368 2.16 11.95 0.60
N ASP A 369 1.02 12.30 1.15
CA ASP A 369 -0.12 11.38 1.13
C ASP A 369 -0.43 11.02 -0.32
N PRO A 370 -1.00 9.84 -0.56
CA PRO A 370 -1.30 9.43 -1.95
C PRO A 370 -2.14 10.44 -2.70
N GLU A 371 -2.91 11.28 -1.99
CA GLU A 371 -3.82 12.23 -2.63
C GLU A 371 -3.14 13.52 -3.02
N ASN A 372 -1.99 13.85 -2.39
CA ASN A 372 -1.37 15.17 -2.43
C ASN A 372 -0.14 15.12 -3.34
N ILE A 373 -0.23 15.69 -4.53
CA ILE A 373 0.86 15.67 -5.50
C ILE A 373 1.07 17.10 -6.00
N ARG A 374 2.33 17.55 -6.06
CA ARG A 374 2.71 18.87 -6.58
C ARG A 374 3.75 18.69 -7.67
N TYR A 375 3.44 19.15 -8.88
CA TYR A 375 4.41 19.26 -9.96
C TYR A 375 5.00 20.67 -9.99
N LEU A 376 6.28 20.75 -10.28
CA LEU A 376 6.88 21.97 -10.83
C LEU A 376 7.07 21.65 -12.31
N THR A 377 6.30 22.32 -13.14
CA THR A 377 6.18 21.93 -14.54
C THR A 377 6.39 23.13 -15.45
N THR A 378 7.02 22.87 -16.58
CA THR A 378 7.18 23.90 -17.58
C THR A 378 6.27 23.64 -18.78
N TYR A 379 5.79 24.72 -19.36
CA TYR A 379 4.90 24.69 -20.50
C TYR A 379 5.04 26.03 -21.21
N ASN A 380 4.47 26.11 -22.40
CA ASN A 380 4.49 27.36 -23.14
C ASN A 380 3.11 27.98 -23.12
N GLN A 381 3.08 29.30 -23.01
CA GLN A 381 1.88 30.08 -23.31
C GLN A 381 2.28 31.02 -24.43
N ASP A 382 1.71 30.80 -25.61
CA ASP A 382 2.12 31.54 -26.80
C ASP A 382 3.61 31.26 -26.94
N ASN A 383 4.46 32.26 -27.13
CA ASN A 383 5.89 32.02 -27.30
C ASN A 383 6.65 32.17 -26.00
N ASP A 384 5.97 32.18 -24.87
CA ASP A 384 6.62 32.39 -23.59
C ASP A 384 6.79 31.08 -22.84
N ALA A 385 7.85 31.01 -22.05
CA ALA A 385 8.11 29.85 -21.22
C ALA A 385 7.62 30.12 -19.81
N VAL A 386 6.93 29.13 -19.23
CA VAL A 386 6.39 29.22 -17.88
C VAL A 386 6.92 28.04 -17.08
N LEU A 387 7.31 28.30 -15.82
CA LEU A 387 7.61 27.25 -14.86
C LEU A 387 6.76 27.52 -13.64
N SER A 388 5.83 26.61 -13.33
CA SER A 388 4.91 26.91 -12.24
C SER A 388 4.54 25.63 -11.50
N TRP A 389 4.07 25.82 -10.28
CA TRP A 389 3.63 24.72 -9.43
C TRP A 389 2.20 24.36 -9.75
N TRP A 390 1.92 23.05 -9.84
CA TRP A 390 0.56 22.54 -10.03
C TRP A 390 0.24 21.53 -8.94
N GLN A 391 -0.89 21.72 -8.26
CA GLN A 391 -1.23 20.99 -7.05
C GLN A 391 -2.48 20.15 -7.25
N SER A 392 -2.41 18.88 -6.87
CA SER A 392 -3.58 18.01 -6.80
C SER A 392 -3.80 17.58 -5.35
N HIS A 393 -5.07 17.56 -4.93
CA HIS A 393 -5.46 16.93 -3.67
C HIS A 393 -6.39 15.75 -3.89
N ASP A 394 -6.50 15.25 -5.12
CA ASP A 394 -7.34 14.10 -5.40
C ASP A 394 -6.55 13.02 -6.11
N GLY A 395 -5.28 12.88 -5.76
CA GLY A 395 -4.46 11.79 -6.26
C GLY A 395 -4.09 11.89 -7.73
N GLY A 396 -4.18 13.08 -8.32
CA GLY A 396 -3.68 13.28 -9.66
C GLY A 396 -4.73 13.34 -10.75
N GLU A 397 -6.02 13.28 -10.38
CA GLU A 397 -7.07 13.46 -11.39
C GLU A 397 -7.18 14.92 -11.83
N HIS A 398 -7.07 15.85 -10.88
CA HIS A 398 -7.13 17.27 -11.21
C HIS A 398 -5.99 18.04 -10.55
N PHE A 399 -5.33 18.87 -11.33
CA PHE A 399 -4.30 19.78 -10.83
C PHE A 399 -4.75 21.22 -11.05
N VAL A 400 -4.41 22.07 -10.08
CA VAL A 400 -4.68 23.50 -10.15
C VAL A 400 -3.36 24.25 -10.09
N GLU A 401 -3.19 25.27 -10.94
CA GLU A 401 -1.93 26.01 -10.98
C GLU A 401 -1.84 26.94 -9.79
N ASP A 402 -0.69 26.94 -9.11
CA ASP A 402 -0.42 27.86 -8.02
C ASP A 402 0.64 28.87 -8.48
N LYS A 403 1.74 29.05 -7.77
CA LYS A 403 2.59 30.20 -8.06
C LYS A 403 3.54 29.88 -9.20
N THR A 404 3.81 30.90 -10.00
CA THR A 404 4.80 30.82 -11.05
C THR A 404 6.17 31.15 -10.47
N VAL A 405 7.16 30.32 -10.78
CA VAL A 405 8.51 30.41 -10.22
C VAL A 405 9.42 31.15 -11.18
N LEU A 406 9.19 30.97 -12.48
CA LEU A 406 10.01 31.64 -13.49
C LEU A 406 9.21 31.75 -14.77
N ARG A 407 9.30 32.88 -15.46
CA ARG A 407 8.60 33.04 -16.72
C ARG A 407 9.45 33.92 -17.61
N LYS A 408 9.65 33.50 -18.87
CA LYS A 408 10.49 34.26 -19.80
C LYS A 408 9.83 34.34 -21.17
N ASP A 409 9.64 35.56 -21.67
CA ASP A 409 9.13 35.76 -23.02
C ASP A 409 10.12 35.22 -24.05
N ASN A 410 9.56 34.75 -25.17
CA ASN A 410 10.34 34.38 -26.35
C ASN A 410 11.40 33.34 -26.01
N ALA A 411 10.98 32.29 -25.30
CA ALA A 411 11.91 31.26 -24.85
C ALA A 411 11.14 29.98 -24.59
N SER A 412 11.91 28.90 -24.37
CA SER A 412 11.40 27.66 -23.81
CA SER A 412 11.40 27.66 -23.81
C SER A 412 12.38 27.17 -22.76
N PHE A 413 11.86 26.41 -21.77
CA PHE A 413 12.69 25.93 -20.66
C PHE A 413 13.06 24.47 -20.85
N ALA A 414 14.34 24.17 -20.64
CA ALA A 414 14.79 22.82 -20.29
C ALA A 414 14.92 22.76 -18.77
N ILE A 415 14.48 21.65 -18.16
CA ILE A 415 14.55 21.55 -16.71
C ILE A 415 15.23 20.27 -16.24
N SER A 416 15.82 20.34 -15.05
CA SER A 416 16.29 19.17 -14.32
C SER A 416 15.17 18.49 -13.54
N ALA A 417 15.46 17.27 -13.08
CA ALA A 417 14.67 16.70 -12.01
C ALA A 417 14.89 17.52 -10.74
N PHE A 418 14.01 17.35 -9.75
CA PHE A 418 14.24 18.02 -8.48
C PHE A 418 15.62 17.67 -7.94
N ILE A 419 16.28 18.69 -7.37
CA ILE A 419 17.60 18.53 -6.78
C ILE A 419 17.57 17.54 -5.63
N LYS A 420 18.61 16.72 -5.53
CA LYS A 420 18.66 15.73 -4.47
C LYS A 420 18.76 16.42 -3.12
N ASP A 421 17.88 16.04 -2.18
CA ASP A 421 17.84 16.61 -0.83
C ASP A 421 17.59 18.12 -0.86
N ALA A 422 16.84 18.56 -1.85
CA ALA A 422 16.59 19.99 -2.04
C ALA A 422 16.01 20.61 -0.77
N ILE A 423 16.37 21.87 -0.57
CA ILE A 423 15.74 22.73 0.44
C ILE A 423 14.76 23.64 -0.29
N PRO A 424 13.83 24.31 0.39
CA PRO A 424 12.82 25.08 -0.35
C PRO A 424 13.38 26.13 -1.28
N ASP A 425 14.53 26.74 -0.94
CA ASP A 425 15.07 27.82 -1.77
C ASP A 425 15.71 27.34 -3.07
N ALA A 426 15.97 26.03 -3.23
CA ALA A 426 16.77 25.58 -4.37
C ALA A 426 16.31 24.16 -4.73
N GLN A 427 15.33 24.08 -5.62
CA GLN A 427 14.66 22.82 -5.92
C GLN A 427 14.90 22.29 -7.32
N MET A 428 15.11 23.17 -8.30
CA MET A 428 15.18 22.73 -9.69
C MET A 428 16.09 23.67 -10.46
N LEU A 429 16.78 23.13 -11.47
CA LEU A 429 17.57 23.91 -12.41
C LEU A 429 16.78 24.11 -13.69
N VAL A 430 16.94 25.29 -14.29
CA VAL A 430 16.20 25.69 -15.47
C VAL A 430 17.17 26.31 -16.48
N ALA A 431 16.94 26.02 -17.75
CA ALA A 431 17.74 26.65 -18.81
C ALA A 431 16.81 27.40 -19.72
N GLU A 432 17.11 28.67 -19.96
CA GLU A 432 16.26 29.54 -20.76
C GLU A 432 16.73 29.45 -22.21
N LYS A 433 16.17 28.48 -22.94
CA LYS A 433 16.52 28.27 -24.35
C LYS A 433 15.98 29.41 -25.19
N VAL A 434 16.91 30.18 -25.81
CA VAL A 434 16.52 31.21 -26.76
C VAL A 434 17.10 30.82 -28.09
N SER A 435 18.42 30.88 -28.20
CA SER A 435 19.11 30.18 -29.27
C SER A 435 19.72 28.93 -28.68
N ASP A 436 20.63 28.29 -29.40
CA ASP A 436 21.22 27.08 -28.87
C ASP A 436 22.59 27.31 -28.25
N GLU A 437 23.01 28.56 -28.05
CA GLU A 437 24.22 28.86 -27.29
C GLU A 437 23.93 30.06 -26.38
N GLY A 438 24.85 30.30 -25.44
CA GLY A 438 24.69 31.43 -24.53
C GLY A 438 23.48 31.34 -23.64
N ILE A 439 23.11 30.13 -23.24
CA ILE A 439 21.84 29.87 -22.56
C ILE A 439 21.97 30.20 -21.07
N LYS A 440 21.07 31.05 -20.58
CA LYS A 440 21.09 31.41 -19.17
C LYS A 440 20.53 30.30 -18.29
N MET A 441 21.21 30.07 -17.19
CA MET A 441 20.99 28.97 -16.26
C MET A 441 20.49 29.53 -14.94
N TYR A 442 19.40 28.94 -14.42
CA TYR A 442 18.72 29.42 -13.22
C TYR A 442 18.55 28.31 -12.19
N LEU A 443 18.75 28.64 -10.93
CA LEU A 443 18.43 27.75 -9.82
C LEU A 443 17.21 28.34 -9.14
N VAL A 444 16.10 27.60 -9.12
CA VAL A 444 14.84 28.16 -8.62
C VAL A 444 14.37 27.38 -7.41
N GLY A 445 13.61 28.05 -6.55
CA GLY A 445 13.04 27.48 -5.35
C GLY A 445 11.52 27.61 -5.32
N GLU A 446 10.95 27.61 -4.12
CA GLU A 446 9.50 27.73 -3.97
C GLU A 446 8.96 28.96 -4.69
N GLU A 447 9.67 30.08 -4.59
CA GLU A 447 9.17 31.37 -5.04
C GLU A 447 9.82 31.90 -6.30
N GLY A 448 11.08 31.56 -6.56
CA GLY A 448 11.77 32.16 -7.68
C GLY A 448 13.25 31.84 -7.68
N ALA A 449 14.00 32.65 -8.42
CA ALA A 449 15.39 32.34 -8.71
C ALA A 449 16.31 32.75 -7.57
N VAL A 450 17.35 31.95 -7.40
CA VAL A 450 18.45 32.24 -6.48
C VAL A 450 19.39 33.16 -7.21
N THR A 451 19.37 34.45 -6.85
CA THR A 451 20.06 35.44 -7.67
C THR A 451 21.57 35.40 -7.43
N ARG A 452 22.30 35.93 -8.41
CA ARG A 452 23.74 36.11 -8.36
C ARG A 452 24.12 37.55 -8.67
N SER A 453 25.18 38.03 -8.04
CA SER A 453 25.73 39.35 -8.40
C SER A 453 26.22 39.32 -9.84
N LEU A 454 25.84 40.33 -10.62
CA LEU A 454 26.29 40.37 -12.00
C LEU A 454 27.80 40.57 -12.10
N VAL A 455 28.36 41.44 -11.25
CA VAL A 455 29.82 41.61 -11.26
C VAL A 455 30.50 40.28 -10.96
N ASP A 456 29.98 39.53 -9.98
CA ASP A 456 30.54 38.23 -9.65
C ASP A 456 30.44 37.27 -10.82
N LEU A 457 29.28 37.23 -11.48
CA LEU A 457 29.08 36.30 -12.59
C LEU A 457 30.06 36.61 -13.73
N LYS A 458 30.16 37.89 -14.11
CA LYS A 458 31.04 38.24 -15.21
C LYS A 458 32.49 37.92 -14.87
N THR A 459 32.89 38.10 -13.61
CA THR A 459 34.24 37.72 -13.22
C THR A 459 34.45 36.22 -13.37
N ALA A 460 33.46 35.42 -12.98
CA ALA A 460 33.61 33.98 -12.96
C ALA A 460 33.48 33.33 -14.34
N MET A 461 32.75 33.93 -15.27
CA MET A 461 32.50 33.26 -16.55
C MET A 461 33.78 33.26 -17.40
N PRO A 462 34.20 32.11 -17.95
CA PRO A 462 33.60 30.77 -17.78
C PRO A 462 33.95 30.11 -16.44
N ARG B 24 -37.36 -36.47 29.08
CA ARG B 24 -36.09 -36.01 29.61
C ARG B 24 -35.58 -34.75 28.92
N GLN B 25 -35.16 -33.76 29.70
CA GLN B 25 -34.55 -32.54 29.18
C GLN B 25 -33.04 -32.72 29.08
N VAL B 26 -32.46 -32.28 27.97
CA VAL B 26 -31.02 -32.20 27.82
C VAL B 26 -30.63 -30.74 27.69
N GLY B 27 -29.35 -30.45 27.97
CA GLY B 27 -28.86 -29.09 27.99
C GLY B 27 -28.65 -28.45 26.64
N TYR B 28 -28.58 -29.26 25.57
CA TYR B 28 -28.22 -28.80 24.24
C TYR B 28 -29.44 -28.83 23.32
N PHE B 29 -29.47 -27.91 22.36
CA PHE B 29 -30.62 -27.77 21.46
C PHE B 29 -30.36 -28.33 20.08
N ALA B 30 -29.13 -28.72 19.79
CA ALA B 30 -28.77 -29.38 18.55
C ALA B 30 -27.48 -30.13 18.79
N ASP B 31 -27.19 -31.10 17.93
CA ASP B 31 -26.01 -31.93 18.12
C ASP B 31 -25.29 -32.18 16.80
N ASN B 32 -25.30 -31.20 15.87
CA ASN B 32 -24.71 -31.42 14.57
C ASN B 32 -23.68 -30.37 14.20
N GLY B 33 -23.10 -29.66 15.18
CA GLY B 33 -22.08 -28.68 14.86
C GLY B 33 -20.81 -29.33 14.31
N VAL B 34 -20.04 -28.58 13.52
CA VAL B 34 -18.77 -29.09 12.98
C VAL B 34 -17.65 -28.08 13.20
N GLY B 35 -16.42 -28.60 13.29
CA GLY B 35 -15.25 -27.72 13.39
C GLY B 35 -15.35 -26.83 14.60
N ASN B 36 -15.17 -25.51 14.39
CA ASN B 36 -15.51 -24.49 15.39
C ASN B 36 -16.88 -23.93 15.00
N PRO B 37 -17.96 -24.28 15.70
CA PRO B 37 -19.31 -23.88 15.23
C PRO B 37 -19.66 -22.44 15.53
N LEU B 38 -18.87 -21.80 16.38
CA LEU B 38 -19.12 -20.47 16.90
C LEU B 38 -17.79 -19.78 17.10
N ALA B 39 -17.79 -18.44 17.06
CA ALA B 39 -16.63 -17.64 17.48
C ALA B 39 -17.13 -16.23 17.77
N ILE B 40 -16.32 -15.50 18.54
CA ILE B 40 -16.70 -14.15 18.94
C ILE B 40 -16.67 -13.20 17.75
N VAL B 41 -15.82 -13.46 16.76
CA VAL B 41 -15.76 -12.49 15.65
C VAL B 41 -16.99 -12.54 14.74
N GLN B 42 -17.62 -13.71 14.56
CA GLN B 42 -18.85 -13.76 13.77
C GLN B 42 -20.02 -13.46 14.68
N HIS B 43 -20.44 -12.20 14.72
CA HIS B 43 -21.43 -11.74 15.69
C HIS B 43 -22.33 -10.70 15.06
N PRO B 44 -23.61 -10.62 15.47
CA PRO B 44 -24.23 -11.54 16.44
C PRO B 44 -24.35 -12.97 15.94
N ALA B 45 -24.08 -13.97 16.78
CA ALA B 45 -24.49 -15.33 16.46
C ALA B 45 -25.95 -15.58 16.82
N GLY B 46 -26.48 -14.82 17.76
CA GLY B 46 -27.87 -14.93 18.15
C GLY B 46 -28.42 -13.58 18.57
N ILE B 47 -29.74 -13.47 18.54
CA ILE B 47 -30.44 -12.21 18.77
C ILE B 47 -31.71 -12.51 19.51
N HIS B 48 -32.03 -11.70 20.52
CA HIS B 48 -33.29 -11.82 21.23
C HIS B 48 -34.24 -10.74 20.76
N LYS B 49 -35.49 -11.11 20.46
CA LYS B 49 -36.51 -10.12 20.12
C LYS B 49 -37.89 -10.63 20.49
N ASN B 50 -38.66 -9.80 21.20
CA ASN B 50 -40.06 -10.08 21.52
C ASN B 50 -40.25 -11.48 22.10
N GLY B 51 -39.39 -11.84 23.05
CA GLY B 51 -39.55 -13.07 23.78
C GLY B 51 -39.03 -14.30 23.08
N ILE B 52 -38.40 -14.14 21.92
CA ILE B 52 -37.83 -15.23 21.14
C ILE B 52 -36.34 -15.00 21.03
N THR B 53 -35.53 -16.02 21.33
CA THR B 53 -34.09 -15.94 21.09
C THR B 53 -33.75 -16.78 19.87
N TYR B 54 -33.24 -16.12 18.83
CA TYR B 54 -32.79 -16.78 17.61
C TYR B 54 -31.30 -17.09 17.74
N VAL B 55 -30.90 -18.27 17.26
CA VAL B 55 -29.52 -18.71 17.41
C VAL B 55 -29.03 -19.31 16.10
N SER B 56 -27.75 -19.10 15.79
CA SER B 56 -27.18 -19.68 14.58
C SER B 56 -25.77 -20.18 14.83
N TYR B 57 -25.38 -21.20 14.06
CA TYR B 57 -24.10 -21.86 14.23
C TYR B 57 -23.79 -22.61 12.95
N GLN B 58 -22.56 -23.09 12.88
CA GLN B 58 -22.08 -23.82 11.72
C GLN B 58 -22.29 -25.32 11.89
N GLY B 59 -23.05 -25.91 10.96
CA GLY B 59 -23.38 -27.30 11.01
C GLY B 59 -22.72 -28.10 9.90
N PRO B 60 -23.30 -29.26 9.58
CA PRO B 60 -22.69 -30.15 8.57
C PRO B 60 -22.37 -29.41 7.29
N LYS B 61 -21.24 -29.80 6.69
CA LYS B 61 -20.70 -29.16 5.49
C LYS B 61 -20.49 -27.66 5.67
N GLU B 62 -20.36 -27.21 6.91
CA GLU B 62 -20.14 -25.80 7.25
C GLU B 62 -21.31 -24.92 6.83
N ASP B 63 -22.46 -25.55 6.63
CA ASP B 63 -23.66 -24.79 6.29
C ASP B 63 -24.22 -24.09 7.53
N PRO B 64 -24.83 -22.91 7.37
CA PRO B 64 -25.39 -22.21 8.52
C PRO B 64 -26.71 -22.81 8.94
N TYR B 65 -26.89 -23.00 10.24
CA TYR B 65 -28.12 -23.54 10.78
C TYR B 65 -28.67 -22.58 11.82
N ILE B 66 -29.99 -22.49 11.90
CA ILE B 66 -30.62 -21.51 12.78
C ILE B 66 -31.77 -22.18 13.53
N ALA B 67 -31.93 -21.84 14.80
CA ALA B 67 -32.99 -22.35 15.65
C ALA B 67 -33.54 -21.17 16.45
N SER B 68 -34.65 -21.39 17.13
CA SER B 68 -35.23 -20.32 17.94
C SER B 68 -35.83 -20.91 19.19
N TYR B 69 -35.79 -20.15 20.27
CA TYR B 69 -36.38 -20.56 21.54
C TYR B 69 -37.40 -19.53 21.98
N ASN B 70 -38.61 -20.00 22.26
CA ASN B 70 -39.72 -19.15 22.67
C ASN B 70 -39.79 -19.19 24.19
N HIS B 71 -39.41 -18.08 24.83
CA HIS B 71 -39.27 -18.13 26.29
C HIS B 71 -40.62 -18.23 26.99
N GLN B 72 -41.70 -17.80 26.35
CA GLN B 72 -43.01 -17.92 26.96
C GLN B 72 -43.51 -19.35 26.94
N THR B 73 -43.39 -20.02 25.80
CA THR B 73 -43.92 -21.37 25.64
C THR B 73 -42.94 -22.46 26.02
N GLY B 74 -41.65 -22.11 26.16
CA GLY B 74 -40.61 -23.10 26.33
C GLY B 74 -40.31 -23.94 25.11
N GLN B 75 -40.78 -23.54 23.95
CA GLN B 75 -40.69 -24.36 22.74
C GLN B 75 -39.46 -23.99 21.92
N TRP B 76 -38.70 -24.99 21.53
CA TRP B 76 -37.66 -24.84 20.52
C TRP B 76 -38.23 -25.07 19.11
N GLN B 77 -37.75 -24.28 18.15
CA GLN B 77 -37.97 -24.53 16.74
C GLN B 77 -36.63 -24.73 16.03
N GLY B 78 -36.59 -25.67 15.10
CA GLY B 78 -35.39 -25.89 14.32
C GLY B 78 -34.49 -26.91 14.98
N PRO B 79 -33.23 -27.00 14.51
CA PRO B 79 -32.56 -26.11 13.56
C PRO B 79 -32.94 -26.35 12.10
N PHE B 80 -32.84 -25.28 11.31
CA PHE B 80 -33.06 -25.31 9.86
C PHE B 80 -31.80 -24.82 9.15
N ARG B 81 -31.49 -25.40 7.99
CA ARG B 81 -30.37 -24.95 7.21
C ARG B 81 -30.77 -23.70 6.43
N ALA B 82 -29.95 -22.64 6.53
CA ALA B 82 -30.28 -21.35 5.92
C ALA B 82 -29.55 -21.09 4.61
N GLY B 83 -28.59 -21.93 4.22
CA GLY B 83 -27.78 -21.63 3.06
C GLY B 83 -26.82 -22.77 2.82
N ILE B 84 -26.13 -22.68 1.70
CA ILE B 84 -25.22 -23.72 1.22
C ILE B 84 -23.84 -23.08 1.08
N SER B 85 -22.89 -23.48 1.93
CA SER B 85 -21.57 -22.89 1.94
C SER B 85 -20.61 -23.61 1.00
N GLU B 86 -19.87 -22.84 0.20
CA GLU B 86 -18.81 -23.47 -0.59
C GLU B 86 -17.72 -24.07 0.28
N LEU B 87 -17.58 -23.62 1.53
CA LEU B 87 -16.45 -24.07 2.34
C LEU B 87 -16.57 -25.53 2.76
N GLY B 88 -17.78 -26.08 2.79
CA GLY B 88 -17.95 -27.48 3.08
C GLY B 88 -17.84 -28.41 1.89
N ARG B 89 -17.56 -27.87 0.70
CA ARG B 89 -17.54 -28.68 -0.51
C ARG B 89 -16.24 -28.48 -1.28
N ARG B 90 -15.16 -28.20 -0.56
CA ARG B 90 -13.83 -28.03 -1.14
C ARG B 90 -13.23 -29.37 -1.52
N ASP B 91 -12.33 -29.33 -2.49
CA ASP B 91 -11.55 -30.48 -2.91
C ASP B 91 -10.29 -30.52 -2.04
N GLY B 92 -10.36 -31.28 -0.94
CA GLY B 92 -9.20 -31.41 -0.07
C GLY B 92 -8.94 -30.20 0.82
N GLY B 93 -7.67 -30.03 1.19
CA GLY B 93 -7.29 -28.96 2.10
C GLY B 93 -7.67 -29.27 3.54
N LYS B 94 -7.72 -28.22 4.36
CA LYS B 94 -8.15 -28.42 5.73
CA LYS B 94 -8.19 -28.35 5.74
C LYS B 94 -9.54 -29.04 5.75
N LYS B 95 -9.75 -29.92 6.73
CA LYS B 95 -11.01 -30.64 6.78
C LYS B 95 -12.17 -29.68 6.97
N PHE B 96 -12.06 -28.77 7.95
CA PHE B 96 -13.05 -27.74 8.19
C PHE B 96 -12.37 -26.39 8.20
N ASP B 97 -12.97 -25.42 7.50
CA ASP B 97 -12.41 -24.09 7.35
C ASP B 97 -12.84 -23.16 8.50
N ASN B 98 -14.15 -23.07 8.76
CA ASN B 98 -14.78 -22.41 9.91
C ASN B 98 -14.91 -20.89 9.76
N ASN B 99 -14.26 -20.26 8.78
CA ASN B 99 -14.29 -18.80 8.71
C ASN B 99 -15.58 -18.27 8.14
N GLY B 100 -16.46 -19.15 7.65
CA GLY B 100 -17.77 -18.78 7.15
C GLY B 100 -18.94 -19.14 8.05
N LYS B 101 -18.69 -19.47 9.32
CA LYS B 101 -19.80 -19.72 10.23
C LYS B 101 -20.70 -18.46 10.29
N PRO B 102 -21.96 -18.61 10.66
CA PRO B 102 -22.93 -17.55 10.37
C PRO B 102 -22.97 -16.38 11.33
N THR B 103 -23.41 -15.24 10.77
CA THR B 103 -23.73 -14.01 11.47
C THR B 103 -25.17 -13.62 11.16
N MET B 104 -25.90 -13.14 12.17
CA MET B 104 -27.34 -12.94 12.07
C MET B 104 -27.72 -11.47 12.21
N LEU B 105 -28.84 -11.07 11.58
CA LEU B 105 -29.40 -9.75 11.77
C LEU B 105 -30.90 -9.79 11.48
N ILE B 106 -31.69 -9.07 12.29
CA ILE B 106 -33.13 -8.95 12.04
C ILE B 106 -33.42 -7.53 11.57
N ASP B 107 -33.99 -7.41 10.37
CA ASP B 107 -34.22 -6.09 9.84
C ASP B 107 -35.55 -5.53 10.33
N ASP B 108 -35.80 -4.25 10.02
CA ASP B 108 -36.96 -3.55 10.55
C ASP B 108 -38.30 -4.06 10.01
N GLU B 109 -38.30 -4.92 8.99
CA GLU B 109 -39.52 -5.56 8.55
C GLU B 109 -39.66 -6.96 9.14
N GLY B 110 -38.71 -7.38 9.98
CA GLY B 110 -38.77 -8.69 10.59
C GLY B 110 -38.12 -9.82 9.82
N TYR B 111 -37.53 -9.56 8.65
CA TYR B 111 -36.83 -10.63 7.97
C TYR B 111 -35.53 -10.93 8.70
N ILE B 112 -35.17 -12.21 8.77
CA ILE B 112 -33.93 -12.63 9.39
C ILE B 112 -32.88 -12.81 8.31
N HIS B 113 -31.72 -12.18 8.49
CA HIS B 113 -30.61 -12.25 7.54
C HIS B 113 -29.51 -13.13 8.12
N ILE B 114 -28.93 -13.98 7.30
CA ILE B 114 -27.76 -14.75 7.69
C ILE B 114 -26.64 -14.46 6.69
N PHE B 115 -25.51 -13.97 7.18
CA PHE B 115 -24.31 -13.80 6.38
C PHE B 115 -23.34 -14.94 6.69
N TYR B 116 -22.77 -15.58 5.67
CA TYR B 116 -22.07 -16.83 5.91
C TYR B 116 -21.24 -17.23 4.69
N GLY B 117 -20.34 -18.19 4.91
CA GLY B 117 -19.75 -18.96 3.82
C GLY B 117 -18.47 -18.40 3.26
N GLY B 118 -18.11 -17.17 3.62
CA GLY B 118 -16.99 -16.50 2.99
C GLY B 118 -15.65 -16.78 3.65
N HIS B 119 -14.65 -17.10 2.84
CA HIS B 119 -13.26 -17.02 3.27
C HIS B 119 -12.45 -16.28 2.21
N GLY B 120 -13.02 -15.19 1.72
CA GLY B 120 -12.31 -14.30 0.81
C GLY B 120 -12.57 -14.49 -0.66
N GLY B 121 -13.54 -15.31 -1.03
CA GLY B 121 -13.82 -15.62 -2.43
C GLY B 121 -12.66 -16.34 -3.14
N GLN B 122 -12.79 -16.41 -4.47
CA GLN B 122 -11.77 -16.99 -5.32
C GLN B 122 -11.85 -16.33 -6.70
N ALA B 123 -10.96 -16.76 -7.60
CA ALA B 123 -10.81 -16.09 -8.90
C ALA B 123 -12.10 -16.14 -9.71
N SER B 124 -12.92 -17.19 -9.54
CA SER B 124 -14.13 -17.28 -10.34
C SER B 124 -15.13 -16.17 -9.99
N ASN B 125 -14.98 -15.50 -8.85
CA ASN B 125 -15.90 -14.42 -8.49
C ASN B 125 -15.51 -13.10 -9.15
N GLY B 126 -14.31 -12.97 -9.67
CA GLY B 126 -13.86 -11.74 -10.27
C GLY B 126 -12.51 -11.34 -9.73
N LYS B 127 -12.12 -10.10 -10.05
CA LYS B 127 -10.90 -9.51 -9.54
C LYS B 127 -11.24 -8.78 -8.24
N ASN B 128 -10.61 -9.16 -7.16
CA ASN B 128 -10.92 -8.51 -5.90
C ASN B 128 -10.29 -7.10 -5.88
N PRO B 129 -11.07 -6.02 -5.84
CA PRO B 129 -10.49 -4.67 -5.94
C PRO B 129 -9.81 -4.20 -4.67
N LEU B 130 -10.01 -4.88 -3.54
CA LEU B 130 -9.51 -4.39 -2.26
C LEU B 130 -8.77 -5.45 -1.46
N GLY B 131 -8.38 -6.58 -2.06
CA GLY B 131 -7.55 -7.52 -1.35
C GLY B 131 -7.26 -8.73 -2.20
N ASN B 132 -6.80 -9.78 -1.52
CA ASN B 132 -6.53 -11.05 -2.17
C ASN B 132 -7.67 -12.02 -1.86
N THR B 133 -7.52 -13.26 -2.32
CA THR B 133 -8.60 -14.22 -2.25
C THR B 133 -8.06 -15.49 -1.64
N HIS B 134 -8.99 -16.38 -1.29
CA HIS B 134 -8.63 -17.72 -0.82
C HIS B 134 -9.64 -18.74 -1.38
N HIS B 135 -10.71 -19.02 -0.63
CA HIS B 135 -11.80 -19.80 -1.21
C HIS B 135 -13.10 -19.49 -0.48
N GLY B 136 -14.21 -19.76 -1.15
CA GLY B 136 -15.49 -19.54 -0.50
C GLY B 136 -16.02 -18.12 -0.67
N ALA B 137 -17.06 -18.00 -1.51
CA ALA B 137 -17.72 -16.72 -1.68
C ALA B 137 -18.59 -16.42 -0.47
N ASN B 138 -18.45 -15.21 0.04
CA ASN B 138 -19.27 -14.73 1.14
C ASN B 138 -20.70 -14.52 0.64
N LYS B 139 -21.66 -14.98 1.44
CA LYS B 139 -23.05 -15.13 1.01
C LYS B 139 -24.01 -14.47 1.99
N HIS B 140 -25.21 -14.19 1.49
CA HIS B 140 -26.23 -13.45 2.23
C HIS B 140 -27.54 -14.19 2.01
N ALA B 141 -28.06 -14.82 3.04
CA ALA B 141 -29.38 -15.43 2.94
C ALA B 141 -30.38 -14.62 3.75
N VAL B 142 -31.64 -14.68 3.35
CA VAL B 142 -32.71 -13.98 4.06
C VAL B 142 -33.90 -14.92 4.19
N SER B 143 -34.57 -14.85 5.34
CA SER B 143 -35.79 -15.65 5.50
C SER B 143 -36.83 -15.25 4.47
N LYS B 144 -37.56 -16.26 3.96
CA LYS B 144 -38.63 -16.00 2.99
C LYS B 144 -39.72 -15.11 3.57
N ARG B 145 -39.98 -15.24 4.87
CA ARG B 145 -41.04 -14.49 5.52
C ARG B 145 -40.50 -13.91 6.81
N PRO B 146 -41.09 -12.82 7.29
CA PRO B 146 -40.65 -12.24 8.57
C PRO B 146 -40.83 -13.24 9.72
N TYR B 147 -39.82 -13.27 10.61
CA TYR B 147 -39.86 -14.03 11.86
C TYR B 147 -40.11 -15.54 11.65
N ASP B 148 -39.84 -16.06 10.45
CA ASP B 148 -40.03 -17.47 10.12
C ASP B 148 -38.69 -18.05 9.71
N ILE B 149 -38.13 -18.93 10.55
CA ILE B 149 -36.78 -19.43 10.29
C ILE B 149 -36.78 -20.72 9.49
N SER B 150 -37.93 -21.12 8.93
CA SER B 150 -38.01 -22.42 8.29
C SER B 150 -37.64 -22.43 6.80
N GLN B 151 -37.65 -21.28 6.12
CA GLN B 151 -37.39 -21.24 4.69
C GLN B 151 -36.58 -20.01 4.33
N TRP B 152 -35.62 -20.19 3.40
CA TRP B 152 -34.59 -19.20 3.10
C TRP B 152 -34.44 -18.98 1.60
N GLU B 153 -34.00 -17.78 1.23
CA GLU B 153 -33.59 -17.50 -0.13
C GLU B 153 -32.24 -16.82 -0.14
N ASP B 154 -31.48 -17.05 -1.20
CA ASP B 154 -30.19 -16.39 -1.37
C ASP B 154 -30.38 -15.00 -1.95
N LEU B 155 -29.67 -14.02 -1.40
CA LEU B 155 -29.62 -12.69 -2.02
C LEU B 155 -28.29 -12.40 -2.66
N ASN B 156 -27.20 -12.72 -1.98
CA ASN B 156 -25.86 -12.55 -2.51
C ASN B 156 -25.80 -11.23 -3.28
N ASN B 157 -26.07 -10.16 -2.54
CA ASN B 157 -26.00 -8.79 -3.00
C ASN B 157 -24.88 -8.04 -2.30
N ILE B 158 -23.93 -8.78 -1.76
CA ILE B 158 -22.73 -8.23 -1.14
C ILE B 158 -21.56 -8.76 -1.94
N THR B 159 -20.39 -8.16 -1.76
CA THR B 159 -19.24 -8.66 -2.49
C THR B 159 -18.95 -10.10 -2.06
N PRO B 160 -18.59 -10.98 -2.98
CA PRO B 160 -18.17 -12.32 -2.59
C PRO B 160 -16.86 -12.33 -1.84
N PHE B 161 -16.07 -11.25 -1.93
CA PHE B 161 -14.73 -11.20 -1.33
C PHE B 161 -14.86 -10.75 0.12
N GLY B 162 -15.22 -11.70 0.99
CA GLY B 162 -15.48 -11.40 2.39
C GLY B 162 -15.07 -12.51 3.33
N THR B 163 -14.56 -12.10 4.50
CA THR B 163 -14.39 -12.96 5.68
C THR B 163 -14.79 -12.14 6.89
N TYR B 164 -15.38 -12.80 7.90
CA TYR B 164 -15.63 -12.19 9.22
C TYR B 164 -16.79 -11.19 9.24
N ASN B 165 -17.97 -11.66 8.87
CA ASN B 165 -19.19 -10.85 8.89
C ASN B 165 -19.56 -10.39 10.30
N GLN B 166 -19.79 -9.08 10.43
CA GLN B 166 -20.24 -8.47 11.66
C GLN B 166 -21.33 -7.49 11.27
N ALA B 167 -22.55 -7.78 11.70
CA ALA B 167 -23.73 -7.09 11.21
C ALA B 167 -24.33 -6.22 12.30
N ILE B 168 -24.52 -4.94 11.99
CA ILE B 168 -25.02 -3.95 12.93
C ILE B 168 -26.22 -3.24 12.31
N LYS B 169 -27.30 -3.10 13.09
CA LYS B 169 -28.45 -2.29 12.69
C LYS B 169 -28.55 -1.07 13.60
N MET B 170 -28.69 0.12 13.00
CA MET B 170 -28.81 1.36 13.78
C MET B 170 -30.28 1.61 14.11
N ASP B 171 -30.50 2.59 14.99
CA ASP B 171 -31.87 2.87 15.41
C ASP B 171 -32.78 3.18 14.22
N ASN B 172 -32.26 3.77 13.15
CA ASN B 172 -33.12 4.16 12.03
C ASN B 172 -33.34 3.03 11.04
N GLY B 173 -32.85 1.83 11.34
CA GLY B 173 -33.03 0.72 10.45
C GLY B 173 -31.86 0.46 9.52
N ASP B 174 -30.93 1.42 9.40
CA ASP B 174 -29.79 1.25 8.50
C ASP B 174 -28.94 0.06 8.92
N ILE B 175 -28.44 -0.69 7.94
CA ILE B 175 -27.68 -1.89 8.19
C ILE B 175 -26.25 -1.69 7.74
N TYR B 176 -25.29 -2.02 8.61
CA TYR B 176 -23.87 -2.01 8.27
C TYR B 176 -23.34 -3.41 8.42
N LEU B 177 -22.75 -3.92 7.35
CA LEU B 177 -22.06 -5.19 7.37
C LEU B 177 -20.57 -4.90 7.29
N PHE B 178 -19.86 -5.21 8.37
CA PHE B 178 -18.41 -5.06 8.44
C PHE B 178 -17.77 -6.42 8.13
N PHE B 179 -16.65 -6.39 7.41
CA PHE B 179 -15.94 -7.63 7.07
C PHE B 179 -14.59 -7.27 6.49
N ARG B 180 -13.75 -8.31 6.34
CA ARG B 180 -12.50 -8.19 5.60
C ARG B 180 -12.78 -8.50 4.14
N HIS B 181 -12.41 -7.58 3.25
CA HIS B 181 -12.72 -7.67 1.81
C HIS B 181 -11.73 -8.57 1.08
N GLY B 182 -11.67 -9.84 1.50
CA GLY B 182 -10.80 -10.83 0.89
C GLY B 182 -10.13 -11.71 1.95
N ALA B 183 -8.97 -12.30 1.61
CA ALA B 183 -8.18 -13.06 2.60
C ALA B 183 -7.22 -12.12 3.33
N HIS B 184 -6.05 -12.60 3.78
CA HIS B 184 -5.24 -11.80 4.71
C HIS B 184 -4.92 -10.43 4.15
N ARG B 185 -4.60 -10.36 2.87
CA ARG B 185 -3.95 -9.16 2.33
C ARG B 185 -5.02 -8.30 1.70
N SER B 186 -5.86 -7.77 2.58
CA SER B 186 -7.10 -7.11 2.17
C SER B 186 -7.45 -6.00 3.14
N ASP B 187 -8.13 -4.98 2.63
CA ASP B 187 -8.71 -3.95 3.49
C ASP B 187 -9.89 -4.49 4.28
N TRP B 188 -10.20 -3.83 5.40
CA TRP B 188 -11.45 -4.05 6.10
C TRP B 188 -12.41 -2.95 5.72
N VAL B 189 -13.68 -3.34 5.52
CA VAL B 189 -14.67 -2.48 4.91
C VAL B 189 -15.99 -2.61 5.65
N TYR B 190 -16.91 -1.69 5.35
CA TYR B 190 -18.32 -2.00 5.54
C TYR B 190 -19.07 -1.77 4.25
N GLN B 191 -20.23 -2.43 4.16
CA GLN B 191 -21.23 -2.13 3.15
C GLN B 191 -22.50 -1.72 3.88
N LYS B 192 -23.11 -0.62 3.45
CA LYS B 192 -24.28 -0.03 4.07
C LYS B 192 -25.52 -0.27 3.23
N SER B 193 -26.62 -0.67 3.88
CA SER B 193 -27.93 -0.77 3.24
C SER B 193 -28.94 0.07 4.01
N VAL B 194 -29.76 0.83 3.27
CA VAL B 194 -30.83 1.63 3.85
C VAL B 194 -32.21 1.05 3.52
N ASP B 195 -32.26 -0.11 2.87
CA ASP B 195 -33.52 -0.72 2.46
C ASP B 195 -33.67 -2.14 3.03
N ASN B 196 -33.26 -2.33 4.28
CA ASN B 196 -33.44 -3.60 4.99
C ASN B 196 -32.61 -4.72 4.38
N GLY B 197 -31.43 -4.36 3.85
CA GLY B 197 -30.51 -5.36 3.35
C GLY B 197 -30.84 -5.88 1.97
N ARG B 198 -31.74 -5.22 1.25
CA ARG B 198 -32.06 -5.70 -0.09
C ARG B 198 -31.06 -5.19 -1.13
N THR B 199 -30.47 -4.02 -0.91
CA THR B 199 -29.33 -3.58 -1.71
C THR B 199 -28.30 -2.93 -0.81
N PHE B 200 -27.03 -3.12 -1.14
CA PHE B 200 -25.94 -2.51 -0.38
C PHE B 200 -25.16 -1.56 -1.26
N ALA B 201 -24.70 -0.46 -0.66
CA ALA B 201 -23.79 0.45 -1.35
C ALA B 201 -22.40 -0.17 -1.41
N SER B 202 -21.53 0.43 -2.21
CA SER B 202 -20.19 -0.12 -2.43
C SER B 202 -19.37 -0.11 -1.14
N PRO B 203 -18.44 -1.06 -0.98
CA PRO B 203 -17.72 -1.13 0.30
C PRO B 203 -16.92 0.14 0.54
N VAL B 204 -16.81 0.51 1.81
CA VAL B 204 -16.03 1.66 2.25
C VAL B 204 -14.88 1.13 3.10
N SER B 205 -13.65 1.39 2.68
CA SER B 205 -12.50 0.84 3.36
C SER B 205 -12.12 1.68 4.58
N PHE B 206 -11.97 1.03 5.74
CA PHE B 206 -11.57 1.77 6.93
C PHE B 206 -10.22 1.34 7.50
N LEU B 207 -9.69 0.17 7.14
CA LEU B 207 -8.32 -0.22 7.49
C LEU B 207 -7.63 -0.68 6.23
N LYS B 208 -6.46 -0.14 5.96
CA LYS B 208 -5.77 -0.42 4.70
C LYS B 208 -4.74 -1.53 4.85
N HIS B 209 -4.75 -2.48 3.93
CA HIS B 209 -3.62 -3.38 3.74
C HIS B 209 -2.65 -2.78 2.72
N LYS B 210 -1.36 -3.11 2.88
CA LYS B 210 -0.35 -2.64 1.95
C LYS B 210 1.00 -3.26 2.27
N ARG B 211 1.85 -3.38 1.26
CA ARG B 211 3.19 -3.91 1.49
C ARG B 211 4.03 -2.95 2.32
N ARG B 212 4.79 -3.51 3.26
CA ARG B 212 5.69 -2.72 4.08
C ARG B 212 6.97 -2.40 3.32
N THR B 213 7.50 -1.21 3.58
CA THR B 213 8.74 -0.79 2.95
C THR B 213 9.98 -1.17 3.76
N ASP B 214 9.81 -1.77 4.95
CA ASP B 214 10.91 -2.10 5.83
C ASP B 214 11.16 -3.59 6.01
N ILE B 215 10.14 -4.44 5.84
CA ILE B 215 10.29 -5.89 5.91
C ILE B 215 9.44 -6.50 4.81
N ASP B 216 9.68 -7.80 4.56
CA ASP B 216 9.00 -8.51 3.47
C ASP B 216 7.67 -9.05 4.01
N ALA B 217 6.73 -8.14 4.19
CA ALA B 217 5.47 -8.49 4.79
C ALA B 217 4.44 -7.44 4.42
N VAL B 218 3.18 -7.76 4.69
CA VAL B 218 2.04 -6.94 4.33
C VAL B 218 1.29 -6.54 5.59
N ASP B 219 0.93 -5.26 5.66
CA ASP B 219 0.01 -4.80 6.71
C ASP B 219 -1.33 -5.52 6.57
N SER B 220 -1.78 -6.13 7.68
CA SER B 220 -2.99 -6.93 7.70
C SER B 220 -3.64 -6.76 9.07
N TRP B 221 -4.96 -6.96 9.13
CA TRP B 221 -5.73 -6.60 10.31
C TRP B 221 -6.79 -7.63 10.65
N TYR B 222 -7.22 -7.60 11.91
CA TYR B 222 -8.44 -8.27 12.35
C TYR B 222 -9.21 -7.30 13.23
N ALA B 223 -10.48 -7.07 12.92
CA ALA B 223 -11.26 -6.07 13.64
C ALA B 223 -12.53 -6.70 14.20
N TRP B 224 -13.04 -6.06 15.25
CA TRP B 224 -14.33 -6.41 15.84
C TRP B 224 -15.12 -5.11 15.93
N ALA B 225 -16.25 -5.05 15.23
CA ALA B 225 -17.10 -3.88 15.23
C ALA B 225 -18.38 -4.17 15.98
N GLY B 226 -18.81 -3.20 16.79
CA GLY B 226 -20.10 -3.35 17.44
C GLY B 226 -20.69 -2.00 17.77
N LYS B 227 -21.88 -2.04 18.34
CA LYS B 227 -22.56 -0.78 18.64
C LYS B 227 -21.83 -0.03 19.75
N GLY B 228 -21.75 1.29 19.59
CA GLY B 228 -21.41 2.18 20.66
C GLY B 228 -22.66 2.76 21.27
N GLN B 229 -22.61 4.06 21.58
CA GLN B 229 -23.78 4.76 22.06
C GLN B 229 -24.17 5.82 21.02
N GLY B 230 -25.36 6.40 21.21
CA GLY B 230 -25.86 7.34 20.23
C GLY B 230 -25.86 6.72 18.85
N ASP B 231 -25.28 7.43 17.88
CA ASP B 231 -25.20 6.91 16.52
C ASP B 231 -23.83 6.33 16.19
N ASN B 232 -23.05 5.95 17.20
CA ASN B 232 -21.70 5.47 16.97
C ASN B 232 -21.63 3.95 16.84
N ILE B 233 -20.68 3.50 16.02
CA ILE B 233 -20.19 2.13 15.99
C ILE B 233 -18.74 2.16 16.50
N ILE B 234 -18.35 1.16 17.30
CA ILE B 234 -16.99 1.13 17.80
C ILE B 234 -16.26 -0.08 17.26
N VAL B 235 -14.95 0.05 17.08
CA VAL B 235 -14.13 -0.96 16.42
C VAL B 235 -12.81 -1.14 17.18
N SER B 236 -12.55 -2.37 17.64
CA SER B 236 -11.25 -2.73 18.20
C SER B 236 -10.56 -3.68 17.20
N TYR B 237 -9.24 -3.68 17.20
CA TYR B 237 -8.58 -4.46 16.18
C TYR B 237 -7.14 -4.72 16.58
N ASP B 238 -6.61 -5.86 16.11
CA ASP B 238 -5.19 -6.13 16.27
C ASP B 238 -4.53 -6.21 14.90
N TYR B 239 -3.20 -6.16 14.91
CA TYR B 239 -2.42 -6.07 13.70
C TYR B 239 -1.78 -7.42 13.39
N HIS B 240 -1.85 -7.83 12.14
CA HIS B 240 -1.24 -9.07 11.68
C HIS B 240 -0.02 -8.74 10.82
N VAL B 241 1.16 -9.18 11.27
CA VAL B 241 2.36 -9.11 10.44
C VAL B 241 2.26 -10.23 9.41
N CYS B 242 1.92 -9.90 8.17
CA CYS B 242 1.63 -10.93 7.17
C CYS B 242 2.89 -11.18 6.35
N TRP B 243 3.67 -12.14 6.79
CA TRP B 243 4.99 -12.39 6.22
C TRP B 243 4.89 -13.07 4.86
N ASP B 244 5.70 -12.61 3.92
CA ASP B 244 5.86 -13.33 2.65
C ASP B 244 6.41 -14.73 2.92
N GLY B 245 6.19 -15.63 1.97
CA GLY B 245 6.73 -16.97 2.10
C GLY B 245 8.24 -16.96 2.21
N GLY B 246 8.80 -17.64 3.21
CA GLY B 246 10.22 -17.73 3.38
C GLY B 246 10.88 -16.58 4.10
N ALA B 247 10.14 -15.52 4.41
CA ALA B 247 10.71 -14.34 5.03
C ALA B 247 10.75 -14.51 6.55
N GLY B 248 11.04 -13.43 7.27
CA GLY B 248 11.04 -13.46 8.72
C GLY B 248 12.35 -13.98 9.29
N VAL B 249 12.37 -14.07 10.62
CA VAL B 249 13.53 -14.60 11.30
C VAL B 249 13.72 -16.06 10.93
N ASN B 250 14.92 -16.42 10.48
CA ASN B 250 15.26 -17.81 10.18
C ASN B 250 14.40 -18.40 9.07
N GLY B 251 13.76 -17.55 8.26
CA GLY B 251 12.87 -18.06 7.24
C GLY B 251 11.62 -18.74 7.78
N ARG B 252 11.12 -18.29 8.93
CA ARG B 252 9.92 -18.90 9.51
C ARG B 252 8.73 -18.81 8.56
N GLY B 253 8.66 -17.76 7.75
CA GLY B 253 7.61 -17.66 6.77
C GLY B 253 6.31 -17.20 7.36
N HIS B 254 5.23 -17.56 6.69
CA HIS B 254 3.91 -17.07 7.05
C HIS B 254 3.34 -17.83 8.23
N THR B 255 3.01 -17.09 9.30
CA THR B 255 2.38 -17.58 10.52
C THR B 255 1.13 -16.77 10.78
N THR B 256 0.51 -16.94 11.96
CA THR B 256 -0.61 -16.11 12.40
C THR B 256 -0.15 -14.94 13.29
N GLU B 257 1.13 -14.55 13.22
CA GLU B 257 1.64 -13.51 14.11
C GLU B 257 0.77 -12.27 14.08
N ARG B 258 0.26 -11.88 15.26
CA ARG B 258 -0.53 -10.68 15.47
C ARG B 258 -0.03 -9.99 16.74
N HIS B 259 -0.12 -8.66 16.79
CA HIS B 259 0.27 -7.93 18.00
C HIS B 259 -0.66 -6.75 18.25
N ASP B 260 -0.70 -6.33 19.52
CA ASP B 260 -1.23 -5.05 19.95
C ASP B 260 -2.74 -4.98 19.81
N VAL B 261 -3.34 -3.91 20.31
CA VAL B 261 -4.77 -3.71 20.10
C VAL B 261 -5.04 -2.21 20.00
N TYR B 262 -5.97 -1.87 19.13
CA TYR B 262 -6.26 -0.50 18.72
C TYR B 262 -7.76 -0.26 18.86
N PHE B 263 -8.15 1.02 18.82
CA PHE B 263 -9.55 1.39 19.01
C PHE B 263 -9.91 2.60 18.16
N MET B 264 -11.09 2.56 17.55
CA MET B 264 -11.60 3.80 16.97
C MET B 264 -13.11 3.71 16.87
N SER B 265 -13.72 4.87 16.62
CA SER B 265 -15.17 5.02 16.61
C SER B 265 -15.63 5.58 15.26
N PHE B 266 -16.84 5.21 14.86
CA PHE B 266 -17.44 5.59 13.59
C PHE B 266 -18.80 6.21 13.90
N ASN B 267 -18.94 7.52 13.65
CA ASN B 267 -20.22 8.20 13.80
C ASN B 267 -21.03 7.99 12.52
N THR B 268 -22.06 7.14 12.59
CA THR B 268 -22.83 6.84 11.38
C THR B 268 -23.69 8.01 10.90
N LYS B 269 -23.86 9.07 11.69
CA LYS B 269 -24.63 10.21 11.22
C LYS B 269 -23.76 11.14 10.38
N THR B 270 -22.56 11.47 10.86
CA THR B 270 -21.65 12.34 10.13
C THR B 270 -20.76 11.58 9.14
N GLY B 271 -20.60 10.27 9.31
CA GLY B 271 -19.66 9.50 8.54
C GLY B 271 -18.22 9.61 8.99
N GLU B 272 -17.94 10.39 10.03
CA GLU B 272 -16.57 10.61 10.48
C GLU B 272 -16.09 9.56 11.47
N TRP B 273 -14.81 9.21 11.34
CA TRP B 273 -14.14 8.27 12.22
C TRP B 273 -13.19 9.03 13.14
N SER B 274 -13.00 8.53 14.36
CA SER B 274 -12.18 9.26 15.31
C SER B 274 -11.55 8.31 16.31
N ASN B 275 -10.44 8.74 16.91
CA ASN B 275 -9.85 7.94 17.98
C ASN B 275 -10.53 8.23 19.32
N VAL B 276 -10.06 7.61 20.39
CA VAL B 276 -10.76 7.76 21.67
C VAL B 276 -10.72 9.19 22.18
N GLU B 277 -9.78 10.01 21.71
CA GLU B 277 -9.71 11.42 22.13
C GLU B 277 -10.54 12.32 21.25
N GLY B 278 -11.23 11.76 20.26
CA GLY B 278 -12.08 12.49 19.37
C GLY B 278 -11.36 13.12 18.21
N GLU B 279 -10.11 12.74 17.96
CA GLU B 279 -9.37 13.26 16.81
C GLU B 279 -9.84 12.55 15.56
N LYS B 280 -10.17 13.32 14.51
CA LYS B 280 -10.70 12.74 13.29
C LYS B 280 -9.61 12.00 12.51
N LEU B 281 -10.00 10.90 11.88
CA LEU B 281 -9.11 10.03 11.14
C LEU B 281 -9.50 10.06 9.66
N VAL B 282 -8.51 10.07 8.78
CA VAL B 282 -8.78 10.00 7.34
C VAL B 282 -8.75 8.53 6.94
N LEU B 283 -9.76 8.11 6.24
CA LEU B 283 -9.82 6.71 5.88
C LEU B 283 -9.18 6.48 4.52
N PRO B 284 -8.65 5.30 4.28
CA PRO B 284 -8.57 4.24 5.30
C PRO B 284 -7.36 4.38 6.19
N VAL B 285 -7.45 3.84 7.41
CA VAL B 285 -6.39 3.97 8.40
C VAL B 285 -5.26 3.01 8.05
N THR B 286 -4.04 3.54 7.97
CA THR B 286 -2.84 2.75 7.75
C THR B 286 -2.22 2.35 9.09
N ARG B 287 -1.28 1.41 9.03
CA ARG B 287 -0.61 0.98 10.26
C ARG B 287 0.09 2.16 10.91
N GLU B 288 0.72 3.02 10.11
CA GLU B 288 1.47 4.13 10.67
C GLU B 288 0.56 5.11 11.40
N VAL B 289 -0.60 5.40 10.84
CA VAL B 289 -1.54 6.27 11.54
C VAL B 289 -2.10 5.58 12.78
N ALA B 290 -2.41 4.28 12.66
CA ALA B 290 -2.96 3.54 13.78
C ALA B 290 -1.99 3.51 14.96
N ASP B 291 -0.71 3.22 14.68
CA ASP B 291 0.30 3.21 15.74
C ASP B 291 0.38 4.56 16.43
N GLU B 292 0.26 5.66 15.67
CA GLU B 292 0.35 7.00 16.22
C GLU B 292 -0.94 7.48 16.88
N LYS B 293 -2.12 7.02 16.40
CA LYS B 293 -3.41 7.63 16.75
C LYS B 293 -4.42 6.72 17.42
N THR B 294 -4.40 5.41 17.19
CA THR B 294 -5.47 4.57 17.72
C THR B 294 -5.00 3.41 18.58
N MET B 295 -3.69 3.26 18.77
CA MET B 295 -3.20 2.22 19.66
CA MET B 295 -3.18 2.24 19.67
C MET B 295 -3.80 2.37 21.04
N ALA B 296 -4.29 1.26 21.59
CA ALA B 296 -4.84 1.22 22.94
C ALA B 296 -3.90 0.53 23.92
N MET B 297 -3.24 -0.53 23.50
CA MET B 297 -2.28 -1.21 24.37
CA MET B 297 -2.25 -1.16 24.36
C MET B 297 -1.30 -1.96 23.48
N ARG B 298 -0.02 -1.83 23.78
CA ARG B 298 0.97 -2.66 23.11
C ARG B 298 1.10 -3.97 23.86
N THR B 299 1.34 -5.05 23.12
CA THR B 299 1.54 -6.35 23.76
C THR B 299 2.98 -6.85 23.65
N GLY B 300 3.90 -6.00 23.20
CA GLY B 300 5.31 -6.41 23.17
C GLY B 300 5.49 -7.60 22.25
N GLU B 301 6.21 -8.60 22.74
CA GLU B 301 6.44 -9.82 21.96
C GLU B 301 5.28 -10.80 22.02
N LEU B 302 4.28 -10.58 22.87
CA LEU B 302 3.15 -11.50 22.92
C LEU B 302 2.36 -11.43 21.61
N TRP B 303 1.89 -12.58 21.16
CA TRP B 303 1.02 -12.67 19.99
C TRP B 303 -0.43 -12.58 20.45
N THR B 304 -1.25 -11.87 19.66
CA THR B 304 -2.62 -11.59 20.02
C THR B 304 -3.62 -12.36 19.17
N PHE B 305 -4.84 -12.37 19.69
CA PHE B 305 -6.02 -12.87 19.01
C PHE B 305 -7.15 -11.97 19.48
N ASN B 306 -7.82 -11.32 18.55
CA ASN B 306 -8.67 -10.22 18.95
C ASN B 306 -9.89 -10.73 19.73
N GLY B 307 -10.45 -9.84 20.55
CA GLY B 307 -11.64 -10.08 21.34
C GLY B 307 -12.80 -9.19 20.93
N SER B 308 -13.25 -8.32 21.82
CA SER B 308 -14.40 -7.46 21.56
C SER B 308 -14.23 -6.16 22.31
N THR B 309 -15.12 -5.20 22.04
CA THR B 309 -15.09 -3.92 22.74
C THR B 309 -16.52 -3.46 23.04
N HIS B 310 -16.67 -2.75 24.17
CA HIS B 310 -17.97 -2.26 24.65
C HIS B 310 -17.71 -0.97 25.42
N LEU B 311 -18.65 -0.02 25.36
CA LEU B 311 -18.55 1.20 26.15
C LEU B 311 -19.18 1.08 27.53
N ASP B 312 -18.57 1.75 28.50
CA ASP B 312 -19.16 1.76 29.84
C ASP B 312 -20.17 2.91 29.96
N ALA B 313 -20.74 3.07 31.17
CA ALA B 313 -21.82 4.03 31.36
C ALA B 313 -21.33 5.46 31.24
N GLN B 314 -20.02 5.68 31.32
CA GLN B 314 -19.41 6.98 31.12
C GLN B 314 -18.87 7.14 29.71
N GLY B 315 -19.32 6.28 28.80
CA GLY B 315 -18.99 6.41 27.39
C GLY B 315 -17.57 6.04 27.03
N GLN B 316 -16.85 5.38 27.92
CA GLN B 316 -15.45 5.00 27.79
C GLN B 316 -15.33 3.58 27.26
N PRO B 317 -14.41 3.34 26.32
CA PRO B 317 -14.28 1.99 25.77
C PRO B 317 -13.47 1.05 26.66
N HIS B 318 -13.96 -0.19 26.74
CA HIS B 318 -13.25 -1.30 27.31
C HIS B 318 -12.98 -2.31 26.21
N ILE B 319 -11.85 -3.02 26.32
CA ILE B 319 -11.40 -3.92 25.27
C ILE B 319 -11.02 -5.26 25.90
N ALA B 320 -11.49 -6.34 25.30
CA ALA B 320 -10.99 -7.68 25.58
C ALA B 320 -10.00 -8.04 24.48
N ILE B 321 -8.79 -8.42 24.87
CA ILE B 321 -7.76 -8.75 23.90
C ILE B 321 -7.04 -9.98 24.42
N ASN B 322 -6.92 -10.99 23.56
CA ASN B 322 -6.25 -12.22 23.98
C ASN B 322 -4.80 -12.17 23.54
N ALA B 323 -3.91 -12.66 24.39
CA ALA B 323 -2.49 -12.60 24.06
C ALA B 323 -1.76 -13.74 24.77
N GLY B 324 -0.63 -14.14 24.19
CA GLY B 324 0.11 -15.25 24.74
C GLY B 324 1.53 -15.30 24.24
N ILE B 325 2.36 -16.07 24.96
CA ILE B 325 3.77 -16.18 24.58
C ILE B 325 3.90 -17.00 23.32
N ASP B 326 4.73 -16.52 22.38
CA ASP B 326 5.03 -17.27 21.17
C ASP B 326 5.95 -18.45 21.52
N LYS B 327 5.46 -19.67 21.35
CA LYS B 327 6.21 -20.89 21.63
C LYS B 327 6.80 -21.52 20.37
N GLY B 328 6.78 -20.81 19.25
CA GLY B 328 7.34 -21.35 18.02
C GLY B 328 6.37 -22.10 17.15
N ALA B 329 5.12 -22.26 17.57
CA ALA B 329 4.11 -22.86 16.72
C ALA B 329 3.66 -21.88 15.64
N LYS B 330 3.05 -22.43 14.59
CA LYS B 330 2.51 -21.57 13.53
C LYS B 330 1.53 -20.54 14.08
N THR B 331 0.76 -20.92 15.10
CA THR B 331 -0.14 -20.02 15.79
C THR B 331 0.50 -19.40 17.03
N GLY B 332 1.80 -19.63 17.23
CA GLY B 332 2.53 -19.04 18.33
C GLY B 332 2.44 -19.91 19.58
N GLY B 333 1.40 -19.66 20.38
CA GLY B 333 1.12 -20.44 21.56
C GLY B 333 -0.25 -20.10 22.12
N PRO B 334 -0.68 -20.79 23.17
CA PRO B 334 -2.00 -20.46 23.76
C PRO B 334 -2.04 -19.02 24.28
N LYS B 335 -3.23 -18.43 24.22
CA LYS B 335 -3.44 -17.02 24.53
C LYS B 335 -4.58 -16.85 25.52
N GLN B 336 -4.42 -15.87 26.41
CA GLN B 336 -5.33 -15.60 27.51
C GLN B 336 -5.97 -14.24 27.35
N THR B 337 -7.26 -14.16 27.68
CA THR B 337 -7.96 -12.89 27.63
C THR B 337 -7.41 -11.93 28.68
N ARG B 338 -7.18 -10.67 28.26
CA ARG B 338 -6.81 -9.56 29.12
C ARG B 338 -7.77 -8.41 28.90
N HIS B 339 -7.93 -7.58 29.94
CA HIS B 339 -8.85 -6.44 29.90
C HIS B 339 -8.09 -5.12 29.85
N VAL B 340 -8.56 -4.23 28.97
CA VAL B 340 -7.98 -2.90 28.76
C VAL B 340 -9.11 -1.89 28.77
N ARG B 341 -8.86 -0.68 29.30
CA ARG B 341 -9.93 0.30 29.25
C ARG B 341 -9.37 1.71 29.23
N TRP B 342 -10.22 2.63 28.76
CA TRP B 342 -9.93 4.06 28.76
C TRP B 342 -10.54 4.69 30.01
N ASN B 343 -9.73 5.40 30.80
CA ASN B 343 -10.27 5.98 32.02
C ASN B 343 -10.62 7.45 31.87
N GLY B 344 -10.73 7.93 30.63
CA GLY B 344 -11.04 9.31 30.36
C GLY B 344 -9.82 10.13 30.05
N ASN B 345 -8.64 9.63 30.40
CA ASN B 345 -7.42 10.39 30.22
C ASN B 345 -6.34 9.52 29.59
N GLU B 346 -6.39 8.20 29.82
CA GLU B 346 -5.36 7.31 29.31
C GLU B 346 -5.90 5.88 29.29
N TRP B 347 -5.19 5.02 28.56
CA TRP B 347 -5.49 3.60 28.53
C TRP B 347 -4.82 2.93 29.72
N VAL B 348 -5.60 2.14 30.47
CA VAL B 348 -5.09 1.45 31.64
C VAL B 348 -5.42 -0.02 31.49
N GLY B 349 -4.78 -0.85 32.33
CA GLY B 349 -5.10 -2.27 32.35
C GLY B 349 -4.10 -3.16 31.66
N GLY B 350 -4.59 -4.19 30.98
CA GLY B 350 -3.74 -5.21 30.40
C GLY B 350 -3.61 -6.48 31.24
N ASP B 351 -4.26 -6.53 32.40
CA ASP B 351 -4.15 -7.71 33.27
C ASP B 351 -5.00 -8.85 32.74
N LYS B 352 -4.52 -10.09 32.94
CA LYS B 352 -5.30 -11.25 32.55
C LYS B 352 -6.59 -11.32 33.33
N VAL B 353 -7.67 -11.75 32.66
CA VAL B 353 -8.92 -11.97 33.36
C VAL B 353 -8.75 -13.06 34.42
N ILE B 354 -8.19 -14.20 34.01
CA ILE B 354 -8.02 -15.35 34.90
C ILE B 354 -6.61 -15.29 35.48
N PRO B 355 -6.45 -15.10 36.79
CA PRO B 355 -5.11 -15.00 37.37
C PRO B 355 -4.30 -16.27 37.14
N GLN B 356 -3.01 -16.10 36.89
CA GLN B 356 -2.00 -17.15 36.82
C GLN B 356 -2.26 -18.16 35.70
N TYR B 357 -3.24 -17.94 34.85
CA TYR B 357 -3.65 -18.95 33.89
C TYR B 357 -2.80 -18.81 32.63
N GLU B 358 -2.31 -19.93 32.12
CA GLU B 358 -1.37 -19.89 31.00
C GLU B 358 -1.81 -20.70 29.79
N ARG B 359 -3.06 -21.16 29.76
CA ARG B 359 -3.56 -21.94 28.63
C ARG B 359 -4.49 -21.05 27.80
N VAL B 360 -5.48 -21.63 27.13
CA VAL B 360 -6.38 -20.87 26.26
C VAL B 360 -7.58 -20.38 27.07
N SER B 361 -7.85 -19.08 26.99
CA SER B 361 -9.12 -18.54 27.45
C SER B 361 -9.69 -17.57 26.43
N ARG B 362 -11.02 -17.54 26.37
CA ARG B 362 -11.76 -16.58 25.55
C ARG B 362 -12.95 -16.09 26.34
N GLY B 363 -13.47 -14.93 26.00
CA GLY B 363 -14.66 -14.49 26.68
C GLY B 363 -15.15 -13.18 26.15
N ASP B 364 -16.45 -12.94 26.34
CA ASP B 364 -17.05 -11.63 26.13
C ASP B 364 -17.38 -11.05 27.49
N PHE B 365 -17.61 -9.73 27.54
CA PHE B 365 -17.85 -9.10 28.82
C PHE B 365 -18.97 -8.07 28.73
N MET B 366 -19.50 -7.74 29.91
CA MET B 366 -20.45 -6.65 30.11
C MET B 366 -19.84 -5.65 31.07
N VAL B 367 -20.09 -4.37 30.84
CA VAL B 367 -19.57 -3.31 31.70
C VAL B 367 -20.70 -2.34 31.99
N THR B 368 -20.78 -1.88 33.23
CA THR B 368 -21.75 -0.86 33.61
C THR B 368 -20.94 0.35 34.06
N ASP B 369 -20.79 0.57 35.37
CA ASP B 369 -19.83 1.56 35.81
C ASP B 369 -18.45 1.17 35.32
N PRO B 370 -17.55 2.13 35.13
CA PRO B 370 -16.21 1.80 34.63
C PRO B 370 -15.48 0.76 35.46
N GLU B 371 -15.81 0.67 36.77
CA GLU B 371 -15.14 -0.26 37.66
C GLU B 371 -15.75 -1.65 37.62
N ASN B 372 -17.00 -1.80 37.19
CA ASN B 372 -17.75 -3.06 37.28
C ASN B 372 -17.73 -3.76 35.93
N ILE B 373 -16.96 -4.85 35.83
CA ILE B 373 -16.82 -5.59 34.59
C ILE B 373 -17.03 -7.06 34.87
N ARG B 374 -17.83 -7.72 34.04
CA ARG B 374 -18.20 -9.13 34.20
C ARG B 374 -17.96 -9.86 32.90
N TYR B 375 -17.04 -10.82 32.91
CA TYR B 375 -16.81 -11.70 31.76
C TYR B 375 -17.58 -13.00 31.92
N LEU B 376 -18.12 -13.50 30.81
CA LEU B 376 -18.48 -14.92 30.70
C LEU B 376 -17.41 -15.55 29.82
N THR B 377 -16.58 -16.41 30.42
CA THR B 377 -15.31 -16.79 29.81
C THR B 377 -15.14 -18.29 29.86
N THR B 378 -14.57 -18.84 28.81
CA THR B 378 -14.26 -20.26 28.82
C THR B 378 -12.77 -20.50 28.95
N TYR B 379 -12.45 -21.60 29.62
CA TYR B 379 -11.07 -22.00 29.88
C TYR B 379 -11.07 -23.50 30.08
N ASN B 380 -9.86 -24.07 30.08
CA ASN B 380 -9.68 -25.49 30.29
C ASN B 380 -9.12 -25.73 31.68
N GLN B 381 -9.59 -26.79 32.33
CA GLN B 381 -8.98 -27.32 33.53
C GLN B 381 -8.73 -28.79 33.23
N ASP B 382 -7.46 -29.17 33.19
CA ASP B 382 -7.08 -30.50 32.68
C ASP B 382 -7.66 -30.59 31.28
N ASN B 383 -8.39 -31.65 30.94
CA ASN B 383 -8.96 -31.82 29.60
C ASN B 383 -10.43 -31.46 29.55
N ASP B 384 -10.90 -30.72 30.54
CA ASP B 384 -12.30 -30.37 30.66
C ASP B 384 -12.50 -28.90 30.34
N ALA B 385 -13.73 -28.61 29.93
CA ALA B 385 -14.09 -27.27 29.47
C ALA B 385 -14.96 -26.62 30.53
N VAL B 386 -14.69 -25.34 30.81
CA VAL B 386 -15.42 -24.60 31.82
C VAL B 386 -15.90 -23.31 31.18
N LEU B 387 -17.12 -22.90 31.50
CA LEU B 387 -17.63 -21.56 31.16
C LEU B 387 -18.18 -20.95 32.43
N SER B 388 -17.61 -19.82 32.86
CA SER B 388 -18.02 -19.25 34.12
C SER B 388 -17.90 -17.73 34.08
N TRP B 389 -18.59 -17.11 35.03
CA TRP B 389 -18.61 -15.65 35.18
C TRP B 389 -17.41 -15.22 36.03
N TRP B 390 -16.73 -14.17 35.58
CA TRP B 390 -15.60 -13.61 36.31
C TRP B 390 -15.89 -12.13 36.52
N GLN B 391 -15.86 -11.69 37.77
CA GLN B 391 -16.33 -10.36 38.12
C GLN B 391 -15.18 -9.50 38.63
N SER B 392 -15.10 -8.27 38.14
CA SER B 392 -14.18 -7.27 38.70
C SER B 392 -14.98 -6.09 39.20
N HIS B 393 -14.53 -5.51 40.33
CA HIS B 393 -15.05 -4.25 40.83
C HIS B 393 -13.97 -3.19 40.95
N ASP B 394 -12.79 -3.42 40.38
CA ASP B 394 -11.72 -2.43 40.41
C ASP B 394 -11.28 -2.08 38.99
N GLY B 395 -12.21 -2.15 38.03
CA GLY B 395 -11.90 -1.67 36.70
C GLY B 395 -11.08 -2.62 35.89
N GLY B 396 -11.03 -3.88 36.31
CA GLY B 396 -10.40 -4.95 35.53
C GLY B 396 -9.00 -5.31 35.96
N GLU B 397 -8.52 -4.80 37.11
CA GLU B 397 -7.21 -5.23 37.59
C GLU B 397 -7.27 -6.63 38.18
N HIS B 398 -8.37 -6.96 38.87
CA HIS B 398 -8.55 -8.28 39.46
C HIS B 398 -9.95 -8.76 39.16
N PHE B 399 -10.06 -10.03 38.73
CA PHE B 399 -11.32 -10.71 38.55
C PHE B 399 -11.39 -11.92 39.49
N VAL B 400 -12.58 -12.18 40.01
CA VAL B 400 -12.82 -13.35 40.83
C VAL B 400 -13.94 -14.16 40.19
N GLU B 401 -13.76 -15.48 40.14
CA GLU B 401 -14.74 -16.36 39.55
C GLU B 401 -16.02 -16.41 40.38
N ASP B 402 -17.15 -16.36 39.71
CA ASP B 402 -18.46 -16.50 40.35
C ASP B 402 -19.12 -17.78 39.82
N LYS B 403 -20.37 -17.75 39.36
CA LYS B 403 -21.06 -18.97 38.98
C LYS B 403 -20.41 -19.63 37.76
N THR B 404 -20.39 -20.96 37.78
CA THR B 404 -20.11 -21.74 36.58
C THR B 404 -21.42 -22.01 35.84
N VAL B 405 -21.43 -21.75 34.53
CA VAL B 405 -22.65 -21.83 33.75
C VAL B 405 -22.70 -23.13 32.96
N LEU B 406 -21.55 -23.61 32.54
CA LEU B 406 -21.50 -24.88 31.83
C LEU B 406 -20.13 -25.48 32.04
N ARG B 407 -20.09 -26.81 32.21
CA ARG B 407 -18.81 -27.50 32.37
C ARG B 407 -18.97 -28.88 31.75
N LYS B 408 -18.01 -29.27 30.91
CA LYS B 408 -18.06 -30.57 30.23
C LYS B 408 -16.67 -31.18 30.26
N ASP B 409 -16.62 -32.44 30.66
CA ASP B 409 -15.35 -33.17 30.70
C ASP B 409 -14.92 -33.53 29.29
N ASN B 410 -13.60 -33.59 29.09
CA ASN B 410 -13.03 -34.10 27.85
C ASN B 410 -13.58 -33.33 26.64
N ALA B 411 -13.56 -32.00 26.74
CA ALA B 411 -14.07 -31.13 25.68
C ALA B 411 -13.38 -29.78 25.79
N SER B 412 -13.54 -28.96 24.74
CA SER B 412 -13.22 -27.54 24.76
C SER B 412 -14.41 -26.80 24.18
N PHE B 413 -14.63 -25.58 24.66
CA PHE B 413 -15.78 -24.79 24.24
C PHE B 413 -15.37 -23.76 23.19
N ALA B 414 -16.14 -23.70 22.13
CA ALA B 414 -16.19 -22.51 21.27
C ALA B 414 -17.39 -21.69 21.70
N ILE B 415 -17.25 -20.36 21.70
CA ILE B 415 -18.31 -19.50 22.21
C ILE B 415 -18.61 -18.38 21.23
N SER B 416 -19.87 -17.94 21.25
CA SER B 416 -20.26 -16.70 20.60
C SER B 416 -20.00 -15.45 21.47
N ALA B 417 -20.11 -14.30 20.83
CA ALA B 417 -20.29 -13.06 21.57
C ALA B 417 -21.64 -13.10 22.26
N PHE B 418 -21.82 -12.23 23.25
CA PHE B 418 -23.11 -12.13 23.90
C PHE B 418 -24.19 -11.91 22.85
N ILE B 419 -25.34 -12.52 23.11
CA ILE B 419 -26.49 -12.40 22.23
C ILE B 419 -26.99 -10.95 22.22
N LYS B 420 -27.36 -10.48 21.04
CA LYS B 420 -27.91 -9.14 20.91
C LYS B 420 -29.21 -9.01 21.69
N ASP B 421 -29.29 -7.99 22.54
CA ASP B 421 -30.46 -7.70 23.38
C ASP B 421 -30.81 -8.89 24.27
N ALA B 422 -29.75 -9.57 24.72
CA ALA B 422 -29.90 -10.75 25.55
C ALA B 422 -30.75 -10.46 26.77
N ILE B 423 -31.51 -11.48 27.19
CA ILE B 423 -32.16 -11.45 28.49
C ILE B 423 -31.38 -12.37 29.43
N PRO B 424 -31.57 -12.27 30.74
CA PRO B 424 -30.81 -13.13 31.66
C PRO B 424 -30.78 -14.62 31.31
N ASP B 425 -31.87 -15.16 30.79
CA ASP B 425 -31.92 -16.60 30.55
C ASP B 425 -31.17 -17.05 29.31
N ALA B 426 -30.84 -16.14 28.40
CA ALA B 426 -30.22 -16.56 27.14
C ALA B 426 -29.19 -15.48 26.76
N GLN B 427 -27.94 -15.72 27.10
CA GLN B 427 -26.91 -14.71 26.90
C GLN B 427 -25.81 -15.10 25.94
N MET B 428 -25.53 -16.39 25.75
CA MET B 428 -24.36 -16.80 24.96
C MET B 428 -24.61 -18.19 24.40
N LEU B 429 -24.04 -18.45 23.23
CA LEU B 429 -24.06 -19.74 22.59
C LEU B 429 -22.74 -20.45 22.84
N VAL B 430 -22.79 -21.77 23.00
CA VAL B 430 -21.63 -22.56 23.37
C VAL B 430 -21.63 -23.84 22.53
N ALA B 431 -20.44 -24.25 22.09
CA ALA B 431 -20.30 -25.51 21.37
C ALA B 431 -19.31 -26.41 22.10
N GLU B 432 -19.74 -27.64 22.38
CA GLU B 432 -18.97 -28.62 23.14
C GLU B 432 -18.12 -29.44 22.15
N LYS B 433 -16.91 -28.93 21.86
CA LYS B 433 -16.03 -29.60 20.90
C LYS B 433 -15.42 -30.83 21.54
N VAL B 434 -15.78 -32.00 21.00
CA VAL B 434 -15.19 -33.27 21.43
C VAL B 434 -14.40 -33.80 20.23
N SER B 435 -15.09 -34.15 19.17
CA SER B 435 -14.42 -34.33 17.91
C SER B 435 -14.73 -33.10 17.05
N ASP B 436 -14.56 -33.20 15.74
CA ASP B 436 -14.88 -32.08 14.89
C ASP B 436 -16.22 -32.22 14.18
N GLU B 437 -17.01 -33.26 14.50
CA GLU B 437 -18.39 -33.34 14.03
C GLU B 437 -19.29 -33.74 15.19
N GLY B 438 -20.61 -33.69 14.94
CA GLY B 438 -21.57 -34.06 15.96
C GLY B 438 -21.50 -33.23 17.21
N ILE B 439 -21.17 -31.95 17.08
CA ILE B 439 -20.91 -31.10 18.23
C ILE B 439 -22.22 -30.63 18.84
N LYS B 440 -22.39 -30.84 20.14
CA LYS B 440 -23.57 -30.37 20.84
C LYS B 440 -23.52 -28.86 21.05
N MET B 441 -24.67 -28.23 20.84
CA MET B 441 -24.83 -26.77 20.84
C MET B 441 -25.71 -26.36 22.01
N TYR B 442 -25.26 -25.34 22.77
CA TYR B 442 -25.95 -24.90 23.99
C TYR B 442 -26.23 -23.40 23.93
N LEU B 443 -27.41 -23.04 24.43
CA LEU B 443 -27.76 -21.65 24.74
C LEU B 443 -27.75 -21.50 26.26
N VAL B 444 -26.89 -20.61 26.78
CA VAL B 444 -26.76 -20.51 28.23
C VAL B 444 -27.16 -19.12 28.71
N GLY B 445 -27.60 -19.03 29.95
CA GLY B 445 -27.97 -17.77 30.56
C GLY B 445 -27.16 -17.54 31.83
N GLU B 446 -27.73 -16.78 32.76
CA GLU B 446 -27.03 -16.45 33.99
C GLU B 446 -26.63 -17.70 34.77
N GLU B 447 -27.50 -18.71 34.78
CA GLU B 447 -27.34 -19.86 35.66
C GLU B 447 -26.91 -21.13 34.96
N GLY B 448 -27.34 -21.32 33.72
CA GLY B 448 -27.07 -22.57 33.02
C GLY B 448 -27.79 -22.61 31.69
N ALA B 449 -27.94 -23.83 31.17
CA ALA B 449 -28.42 -24.02 29.82
C ALA B 449 -29.92 -23.92 29.74
N VAL B 450 -30.39 -23.39 28.61
CA VAL B 450 -31.80 -23.43 28.21
C VAL B 450 -32.03 -24.82 27.65
N THR B 451 -32.69 -25.69 28.43
CA THR B 451 -32.79 -27.09 28.06
C THR B 451 -33.78 -27.30 26.92
N ARG B 452 -33.65 -28.46 26.27
CA ARG B 452 -34.57 -28.92 25.25
C ARG B 452 -35.00 -30.35 25.55
N SER B 453 -36.26 -30.66 25.25
CA SER B 453 -36.76 -32.03 25.30
C SER B 453 -35.92 -32.91 24.39
N LEU B 454 -35.37 -34.00 24.95
CA LEU B 454 -34.62 -34.93 24.10
C LEU B 454 -35.49 -35.50 22.98
N VAL B 455 -36.74 -35.86 23.29
CA VAL B 455 -37.64 -36.37 22.26
C VAL B 455 -37.80 -35.32 21.15
N ASP B 456 -38.03 -34.05 21.54
CA ASP B 456 -38.17 -32.99 20.54
C ASP B 456 -36.89 -32.81 19.73
N LEU B 457 -35.74 -32.86 20.38
CA LEU B 457 -34.49 -32.65 19.66
C LEU B 457 -34.28 -33.73 18.60
N LYS B 458 -34.48 -35.00 18.97
CA LYS B 458 -34.35 -36.07 18.00
C LYS B 458 -35.36 -35.95 16.86
N THR B 459 -36.56 -35.46 17.16
CA THR B 459 -37.54 -35.24 16.12
C THR B 459 -37.09 -34.16 15.15
N ALA B 460 -36.46 -33.11 15.65
CA ALA B 460 -36.13 -31.94 14.85
C ALA B 460 -34.80 -32.05 14.12
N MET B 461 -33.90 -32.88 14.59
CA MET B 461 -32.56 -32.89 14.01
C MET B 461 -32.57 -33.43 12.59
N PRO B 462 -32.17 -32.63 11.59
CA PRO B 462 -32.01 -33.18 10.24
C PRO B 462 -31.01 -34.32 10.24
N THR B 463 -31.16 -35.22 9.26
CA THR B 463 -30.22 -36.32 9.11
C THR B 463 -29.71 -36.40 7.67
#